data_2EBR
#
_entry.id   2EBR
#
loop_
_entity.id
_entity.type
_entity.pdbx_description
1 polymer 'Nuclear pore complex protein Nup153'
2 non-polymer 'ZINC ION'
#
_entity_poly.entity_id   1
_entity_poly.type   'polypeptide(L)'
_entity_poly.pdbx_seq_one_letter_code
;GSSGSSGPEGSWDCELCLVQNKADSTKCLACESAKPGTKSGFKGFDT
;
_entity_poly.pdbx_strand_id   A
#
# COMPACT_ATOMS: atom_id res chain seq x y z
N GLY A 1 11.67 11.78 -11.71
CA GLY A 1 11.03 11.38 -12.96
C GLY A 1 10.28 10.07 -12.83
N SER A 2 10.37 9.23 -13.85
CA SER A 2 9.69 7.94 -13.84
C SER A 2 10.53 6.88 -13.15
N SER A 3 11.77 6.72 -13.60
CA SER A 3 12.68 5.74 -13.02
C SER A 3 13.56 6.38 -11.95
N GLY A 4 13.56 5.80 -10.76
CA GLY A 4 14.36 6.32 -9.67
C GLY A 4 13.97 7.73 -9.29
N SER A 5 12.98 7.85 -8.40
CA SER A 5 12.51 9.15 -7.95
C SER A 5 12.58 9.27 -6.43
N SER A 6 12.91 10.46 -5.95
CA SER A 6 13.01 10.71 -4.51
C SER A 6 11.72 10.33 -3.80
N GLY A 7 11.79 9.34 -2.92
CA GLY A 7 10.61 8.92 -2.19
C GLY A 7 10.43 7.41 -2.22
N PRO A 8 9.96 6.85 -1.10
CA PRO A 8 9.72 5.41 -0.98
C PRO A 8 8.54 4.94 -1.83
N GLU A 9 8.84 4.13 -2.84
CA GLU A 9 7.80 3.62 -3.73
C GLU A 9 7.71 2.10 -3.64
N GLY A 10 6.50 1.56 -3.81
CA GLY A 10 6.31 0.13 -3.74
C GLY A 10 5.58 -0.30 -2.48
N SER A 11 6.32 -0.40 -1.38
CA SER A 11 5.74 -0.81 -0.11
C SER A 11 4.77 0.25 0.42
N TRP A 12 3.68 -0.20 1.02
CA TRP A 12 2.67 0.70 1.55
C TRP A 12 2.67 0.66 3.09
N ASP A 13 2.87 1.83 3.69
CA ASP A 13 2.90 1.93 5.15
C ASP A 13 1.48 1.95 5.72
N CYS A 14 1.23 1.09 6.69
CA CYS A 14 -0.09 1.01 7.32
C CYS A 14 -0.31 2.17 8.28
N GLU A 15 -1.58 2.44 8.59
CA GLU A 15 -1.92 3.52 9.50
C GLU A 15 -2.51 2.98 10.80
N LEU A 16 -3.26 1.89 10.70
CA LEU A 16 -3.88 1.26 11.86
C LEU A 16 -2.84 0.97 12.93
N CYS A 17 -1.85 0.16 12.58
CA CYS A 17 -0.79 -0.21 13.51
C CYS A 17 0.49 0.56 13.21
N LEU A 18 0.49 1.29 12.10
CA LEU A 18 1.65 2.08 11.70
C LEU A 18 2.85 1.17 11.43
N VAL A 19 2.61 0.10 10.68
CA VAL A 19 3.68 -0.84 10.34
C VAL A 19 3.81 -1.00 8.83
N GLN A 20 5.05 -1.09 8.36
CA GLN A 20 5.31 -1.25 6.94
C GLN A 20 4.80 -2.59 6.43
N ASN A 21 4.51 -2.66 5.14
CA ASN A 21 4.02 -3.90 4.53
C ASN A 21 4.57 -4.08 3.13
N LYS A 22 4.33 -5.26 2.55
CA LYS A 22 4.81 -5.55 1.20
C LYS A 22 3.85 -5.01 0.15
N ALA A 23 4.40 -4.52 -0.95
CA ALA A 23 3.60 -3.96 -2.03
C ALA A 23 2.54 -4.97 -2.50
N ASP A 24 3.00 -6.14 -2.94
CA ASP A 24 2.11 -7.19 -3.41
C ASP A 24 0.99 -7.44 -2.41
N SER A 25 1.36 -7.58 -1.14
CA SER A 25 0.39 -7.84 -0.09
C SER A 25 -0.71 -6.78 -0.10
N THR A 26 -1.95 -7.22 0.04
CA THR A 26 -3.09 -6.31 0.05
C THR A 26 -3.45 -5.88 1.47
N LYS A 27 -3.37 -6.82 2.40
CA LYS A 27 -3.69 -6.54 3.80
C LYS A 27 -2.41 -6.43 4.63
N CYS A 28 -2.55 -5.93 5.85
CA CYS A 28 -1.41 -5.77 6.75
C CYS A 28 -0.97 -7.11 7.33
N LEU A 29 0.11 -7.09 8.09
CA LEU A 29 0.64 -8.31 8.71
C LEU A 29 0.58 -8.23 10.22
N ALA A 30 0.82 -7.03 10.75
CA ALA A 30 0.78 -6.81 12.20
C ALA A 30 -0.66 -6.73 12.70
N CYS A 31 -1.50 -6.00 11.97
CA CYS A 31 -2.90 -5.83 12.34
C CYS A 31 -3.80 -6.59 11.38
N GLU A 32 -3.27 -6.93 10.21
CA GLU A 32 -4.04 -7.66 9.21
C GLU A 32 -5.25 -6.84 8.75
N SER A 33 -5.04 -5.55 8.53
CA SER A 33 -6.11 -4.66 8.10
C SER A 33 -6.12 -4.53 6.58
N ALA A 34 -7.12 -3.81 6.06
CA ALA A 34 -7.24 -3.61 4.63
C ALA A 34 -6.48 -2.37 4.18
N LYS A 35 -5.54 -2.57 3.25
CA LYS A 35 -4.74 -1.47 2.74
C LYS A 35 -5.62 -0.40 2.10
N PRO A 36 -5.27 0.87 2.34
CA PRO A 36 -6.02 2.02 1.79
C PRO A 36 -5.86 2.15 0.29
N GLY A 37 -6.96 2.02 -0.44
CA GLY A 37 -6.92 2.14 -1.89
C GLY A 37 -8.24 2.57 -2.48
N THR A 38 -8.35 2.51 -3.81
CA THR A 38 -9.57 2.90 -4.49
C THR A 38 -10.24 1.70 -5.15
N LYS A 39 -11.43 1.92 -5.69
CA LYS A 39 -12.18 0.85 -6.36
C LYS A 39 -11.71 0.69 -7.80
N SER A 40 -11.98 -0.48 -8.38
CA SER A 40 -11.59 -0.77 -9.75
C SER A 40 -12.37 0.10 -10.72
N GLY A 41 -11.70 0.54 -11.79
CA GLY A 41 -12.34 1.38 -12.78
C GLY A 41 -12.20 2.85 -12.48
N PHE A 42 -11.35 3.52 -13.24
CA PHE A 42 -11.12 4.95 -13.05
C PHE A 42 -12.43 5.73 -13.08
N LYS A 43 -12.43 6.90 -12.44
CA LYS A 43 -13.63 7.73 -12.40
C LYS A 43 -13.41 9.04 -13.15
N GLY A 44 -14.50 9.66 -13.59
CA GLY A 44 -14.40 10.92 -14.32
C GLY A 44 -15.66 11.25 -15.07
N PHE A 45 -15.69 12.43 -15.69
CA PHE A 45 -16.85 12.86 -16.45
C PHE A 45 -16.85 12.25 -17.85
N ASP A 46 -17.79 11.33 -18.08
CA ASP A 46 -17.90 10.67 -19.37
C ASP A 46 -19.36 10.35 -19.69
N THR A 47 -19.65 10.17 -20.98
CA THR A 47 -21.01 9.87 -21.42
C THR A 47 -21.25 8.37 -21.46
N GLY A 1 8.11 0.15 -18.52
CA GLY A 1 6.94 0.85 -18.01
C GLY A 1 6.22 1.64 -19.08
N SER A 2 5.13 1.06 -19.60
CA SER A 2 4.36 1.72 -20.65
C SER A 2 3.66 2.97 -20.11
N SER A 3 2.80 2.79 -19.11
CA SER A 3 2.07 3.89 -18.51
C SER A 3 2.98 4.73 -17.63
N GLY A 4 3.67 4.06 -16.70
CA GLY A 4 4.58 4.75 -15.81
C GLY A 4 4.52 4.21 -14.39
N SER A 5 3.99 5.00 -13.47
CA SER A 5 3.87 4.59 -12.07
C SER A 5 5.25 4.21 -11.51
N SER A 6 6.26 4.99 -11.85
CA SER A 6 7.62 4.74 -11.39
C SER A 6 7.94 5.58 -10.17
N GLY A 7 8.04 4.93 -9.01
CA GLY A 7 8.34 5.65 -7.79
C GLY A 7 9.61 5.14 -7.12
N PRO A 8 10.24 5.99 -6.29
CA PRO A 8 11.47 5.65 -5.58
C PRO A 8 11.23 4.60 -4.50
N GLU A 9 10.00 4.12 -4.39
CA GLU A 9 9.65 3.12 -3.39
C GLU A 9 8.71 2.07 -3.98
N GLY A 10 8.35 1.08 -3.17
CA GLY A 10 7.46 0.03 -3.62
C GLY A 10 6.77 -0.69 -2.47
N SER A 11 6.19 0.08 -1.56
CA SER A 11 5.50 -0.48 -0.40
C SER A 11 4.47 0.50 0.14
N TRP A 12 3.51 -0.04 0.89
CA TRP A 12 2.47 0.79 1.48
C TRP A 12 2.46 0.67 3.00
N ASP A 13 2.86 1.74 3.67
CA ASP A 13 2.90 1.76 5.13
C ASP A 13 1.50 1.82 5.72
N CYS A 14 1.25 0.99 6.73
CA CYS A 14 -0.05 0.94 7.38
C CYS A 14 -0.20 2.07 8.37
N GLU A 15 -1.44 2.44 8.67
CA GLU A 15 -1.73 3.52 9.61
C GLU A 15 -2.35 2.97 10.89
N LEU A 16 -3.05 1.85 10.77
CA LEU A 16 -3.69 1.23 11.93
C LEU A 16 -2.67 0.88 13.00
N CYS A 17 -1.69 0.06 12.64
CA CYS A 17 -0.65 -0.35 13.58
C CYS A 17 0.66 0.39 13.29
N LEU A 18 0.67 1.14 12.19
CA LEU A 18 1.86 1.89 11.80
C LEU A 18 3.02 0.95 11.48
N VAL A 19 2.74 -0.09 10.72
CA VAL A 19 3.76 -1.07 10.35
C VAL A 19 3.85 -1.22 8.83
N GLN A 20 5.05 -1.04 8.29
CA GLN A 20 5.27 -1.17 6.86
C GLN A 20 4.95 -2.58 6.37
N ASN A 21 4.60 -2.69 5.09
CA ASN A 21 4.27 -3.99 4.51
C ASN A 21 4.82 -4.10 3.09
N LYS A 22 4.64 -5.26 2.48
CA LYS A 22 5.12 -5.50 1.13
C LYS A 22 4.05 -5.14 0.10
N ALA A 23 4.46 -4.43 -0.95
CA ALA A 23 3.54 -4.01 -2.01
C ALA A 23 2.64 -5.18 -2.43
N ASP A 24 3.26 -6.25 -2.90
CA ASP A 24 2.51 -7.42 -3.35
C ASP A 24 1.35 -7.72 -2.40
N SER A 25 1.63 -7.64 -1.10
CA SER A 25 0.60 -7.90 -0.10
C SER A 25 -0.46 -6.82 -0.10
N THR A 26 -1.72 -7.23 0.01
CA THR A 26 -2.85 -6.30 0.01
C THR A 26 -3.26 -5.94 1.43
N LYS A 27 -3.24 -6.93 2.32
CA LYS A 27 -3.61 -6.72 3.71
C LYS A 27 -2.37 -6.55 4.58
N CYS A 28 -2.57 -6.02 5.79
CA CYS A 28 -1.48 -5.79 6.72
C CYS A 28 -1.04 -7.10 7.36
N LEU A 29 0.03 -7.03 8.16
CA LEU A 29 0.55 -8.22 8.83
C LEU A 29 0.41 -8.09 10.35
N ALA A 30 0.61 -6.87 10.86
CA ALA A 30 0.50 -6.62 12.29
C ALA A 30 -0.95 -6.57 12.73
N CYS A 31 -1.76 -5.80 12.00
CA CYS A 31 -3.18 -5.67 12.32
C CYS A 31 -4.03 -6.36 11.27
N GLU A 32 -3.42 -6.73 10.16
CA GLU A 32 -4.13 -7.40 9.07
C GLU A 32 -5.33 -6.57 8.63
N SER A 33 -5.15 -5.26 8.54
CA SER A 33 -6.22 -4.36 8.13
C SER A 33 -6.17 -4.11 6.62
N ALA A 34 -7.36 -4.00 6.01
CA ALA A 34 -7.45 -3.77 4.58
C ALA A 34 -6.72 -2.49 4.19
N LYS A 35 -5.81 -2.60 3.23
CA LYS A 35 -5.04 -1.45 2.76
C LYS A 35 -5.96 -0.39 2.17
N PRO A 36 -5.65 0.88 2.43
CA PRO A 36 -6.44 2.02 1.94
C PRO A 36 -6.29 2.20 0.43
N GLY A 37 -7.38 1.96 -0.30
CA GLY A 37 -7.34 2.11 -1.74
C GLY A 37 -8.62 1.64 -2.40
N THR A 38 -9.45 2.58 -2.84
CA THR A 38 -10.71 2.26 -3.49
C THR A 38 -10.49 1.32 -4.67
N LYS A 39 -11.01 0.10 -4.57
CA LYS A 39 -10.87 -0.88 -5.63
C LYS A 39 -11.87 -0.60 -6.76
N SER A 40 -13.16 -0.64 -6.44
CA SER A 40 -14.20 -0.39 -7.42
C SER A 40 -14.15 -1.43 -8.53
N GLY A 41 -13.95 -2.70 -8.15
CA GLY A 41 -13.88 -3.77 -9.13
C GLY A 41 -12.68 -3.64 -10.05
N PHE A 42 -12.88 -3.02 -11.20
CA PHE A 42 -11.81 -2.85 -12.17
C PHE A 42 -11.20 -4.19 -12.56
N LYS A 43 -12.05 -5.19 -12.76
CA LYS A 43 -11.60 -6.52 -13.13
C LYS A 43 -11.41 -6.63 -14.64
N GLY A 44 -12.47 -6.32 -15.40
CA GLY A 44 -12.40 -6.39 -16.84
C GLY A 44 -13.33 -7.44 -17.41
N PHE A 45 -13.90 -7.15 -18.58
CA PHE A 45 -14.82 -8.08 -19.24
C PHE A 45 -14.13 -8.78 -20.40
N ASP A 46 -14.72 -9.90 -20.82
CA ASP A 46 -14.16 -10.68 -21.93
C ASP A 46 -15.20 -10.88 -23.03
N THR A 47 -14.73 -11.20 -24.23
CA THR A 47 -15.61 -11.41 -25.36
C THR A 47 -15.16 -12.60 -26.21
N GLY A 1 0.79 13.54 -5.99
CA GLY A 1 1.47 14.73 -5.52
C GLY A 1 1.76 15.70 -6.65
N SER A 2 2.53 15.24 -7.64
CA SER A 2 2.89 16.08 -8.78
C SER A 2 3.22 15.23 -10.01
N SER A 3 2.43 15.40 -11.06
CA SER A 3 2.63 14.65 -12.29
C SER A 3 2.61 13.14 -12.02
N GLY A 4 1.69 12.72 -11.18
CA GLY A 4 1.57 11.31 -10.85
C GLY A 4 2.86 10.74 -10.29
N SER A 5 3.34 11.30 -9.18
CA SER A 5 4.57 10.86 -8.57
C SER A 5 4.37 9.53 -7.84
N SER A 6 3.43 9.52 -6.90
CA SER A 6 3.13 8.32 -6.13
C SER A 6 2.06 7.48 -6.83
N GLY A 7 1.95 6.21 -6.41
CA GLY A 7 0.96 5.33 -7.00
C GLY A 7 0.80 4.05 -6.21
N PRO A 8 0.04 3.10 -6.78
CA PRO A 8 -0.22 1.81 -6.14
C PRO A 8 1.02 0.93 -6.09
N GLU A 9 2.14 1.46 -6.55
CA GLU A 9 3.40 0.72 -6.56
C GLU A 9 4.19 0.97 -5.28
N GLY A 10 5.29 0.26 -5.12
CA GLY A 10 6.12 0.41 -3.93
C GLY A 10 5.40 -0.02 -2.67
N SER A 11 6.17 -0.49 -1.70
CA SER A 11 5.59 -0.94 -0.43
C SER A 11 4.74 0.14 0.20
N TRP A 12 3.74 -0.26 0.97
CA TRP A 12 2.85 0.68 1.64
C TRP A 12 2.96 0.57 3.16
N ASP A 13 2.92 1.71 3.84
CA ASP A 13 3.01 1.73 5.29
C ASP A 13 1.63 1.86 5.92
N CYS A 14 1.24 0.84 6.70
CA CYS A 14 -0.06 0.84 7.36
C CYS A 14 -0.18 2.02 8.32
N GLU A 15 -1.42 2.43 8.60
CA GLU A 15 -1.67 3.54 9.50
C GLU A 15 -2.28 3.05 10.81
N LEU A 16 -3.16 2.06 10.71
CA LEU A 16 -3.83 1.50 11.89
C LEU A 16 -2.80 1.10 12.95
N CYS A 17 -1.84 0.27 12.56
CA CYS A 17 -0.81 -0.19 13.47
C CYS A 17 0.51 0.54 13.21
N LEU A 18 0.55 1.32 12.13
CA LEU A 18 1.74 2.07 11.77
C LEU A 18 2.90 1.12 11.48
N VAL A 19 2.64 0.10 10.66
CA VAL A 19 3.67 -0.86 10.31
C VAL A 19 3.83 -0.97 8.79
N GLN A 20 5.06 -1.22 8.35
CA GLN A 20 5.34 -1.34 6.92
C GLN A 20 4.82 -2.66 6.37
N ASN A 21 4.48 -2.67 5.08
CA ASN A 21 3.96 -3.88 4.44
C ASN A 21 4.41 -3.94 2.99
N LYS A 22 4.64 -5.16 2.49
CA LYS A 22 5.07 -5.36 1.12
C LYS A 22 3.99 -4.91 0.14
N ALA A 23 4.41 -4.32 -0.97
CA ALA A 23 3.48 -3.85 -1.99
C ALA A 23 2.51 -4.95 -2.39
N ASP A 24 3.03 -6.13 -2.67
CA ASP A 24 2.22 -7.27 -3.06
C ASP A 24 1.10 -7.51 -2.06
N SER A 25 1.47 -7.65 -0.79
CA SER A 25 0.50 -7.89 0.28
C SER A 25 -0.52 -6.75 0.35
N THR A 26 -1.71 -7.01 -0.17
CA THR A 26 -2.78 -6.00 -0.16
C THR A 26 -3.22 -5.68 1.27
N LYS A 27 -3.13 -6.68 2.15
CA LYS A 27 -3.52 -6.49 3.54
C LYS A 27 -2.29 -6.35 4.44
N CYS A 28 -2.52 -5.94 5.67
CA CYS A 28 -1.44 -5.77 6.63
C CYS A 28 -1.01 -7.10 7.24
N LEU A 29 0.10 -7.10 7.96
CA LEU A 29 0.61 -8.31 8.59
C LEU A 29 0.50 -8.21 10.11
N ALA A 30 0.70 -7.01 10.65
CA ALA A 30 0.63 -6.79 12.08
C ALA A 30 -0.82 -6.81 12.57
N CYS A 31 -1.64 -5.91 12.03
CA CYS A 31 -3.04 -5.83 12.41
C CYS A 31 -3.92 -6.57 11.40
N GLU A 32 -3.34 -6.88 10.24
CA GLU A 32 -4.07 -7.59 9.21
C GLU A 32 -5.29 -6.79 8.75
N SER A 33 -5.11 -5.48 8.61
CA SER A 33 -6.19 -4.60 8.19
C SER A 33 -6.12 -4.34 6.68
N ALA A 34 -7.29 -4.14 6.07
CA ALA A 34 -7.36 -3.88 4.63
C ALA A 34 -6.61 -2.59 4.28
N LYS A 35 -5.82 -2.65 3.22
CA LYS A 35 -5.07 -1.49 2.76
C LYS A 35 -5.99 -0.45 2.13
N PRO A 36 -5.69 0.83 2.39
CA PRO A 36 -6.48 1.96 1.87
C PRO A 36 -6.30 2.11 0.36
N GLY A 37 -7.40 2.04 -0.38
CA GLY A 37 -7.35 2.19 -1.82
C GLY A 37 -8.09 1.08 -2.54
N THR A 38 -9.35 0.88 -2.18
CA THR A 38 -10.17 -0.15 -2.80
C THR A 38 -10.91 0.39 -4.03
N LYS A 39 -11.45 1.59 -3.90
CA LYS A 39 -12.17 2.23 -5.00
C LYS A 39 -13.35 1.36 -5.44
N SER A 40 -14.06 0.80 -4.47
CA SER A 40 -15.20 -0.05 -4.75
C SER A 40 -16.49 0.57 -4.20
N GLY A 41 -17.55 0.50 -5.00
CA GLY A 41 -18.83 1.06 -4.57
C GLY A 41 -19.13 2.39 -5.24
N PHE A 42 -20.30 2.94 -4.96
CA PHE A 42 -20.72 4.21 -5.54
C PHE A 42 -20.82 4.10 -7.06
N LYS A 43 -21.37 2.99 -7.54
CA LYS A 43 -21.53 2.76 -8.96
C LYS A 43 -23.00 2.76 -9.36
N GLY A 44 -23.84 3.30 -8.48
CA GLY A 44 -25.26 3.36 -8.76
C GLY A 44 -25.65 4.57 -9.58
N PHE A 45 -26.91 4.96 -9.50
CA PHE A 45 -27.42 6.11 -10.24
C PHE A 45 -26.64 7.38 -9.87
N ASP A 46 -26.64 7.71 -8.58
CA ASP A 46 -25.93 8.88 -8.10
C ASP A 46 -24.55 8.99 -8.73
N THR A 47 -23.81 7.88 -8.70
CA THR A 47 -22.47 7.85 -9.27
C THR A 47 -22.19 6.51 -9.93
N GLY A 1 23.51 -11.87 -13.80
CA GLY A 1 24.21 -12.88 -13.03
C GLY A 1 24.39 -12.50 -11.58
N SER A 2 24.93 -11.30 -11.34
CA SER A 2 25.16 -10.82 -9.99
C SER A 2 24.40 -9.53 -9.74
N SER A 3 23.52 -9.54 -8.74
CA SER A 3 22.72 -8.37 -8.40
C SER A 3 23.47 -7.46 -7.42
N GLY A 4 23.06 -6.20 -7.37
CA GLY A 4 23.71 -5.25 -6.47
C GLY A 4 22.82 -4.06 -6.15
N SER A 5 21.55 -4.32 -5.92
CA SER A 5 20.59 -3.27 -5.60
C SER A 5 19.61 -3.72 -4.53
N SER A 6 19.10 -2.76 -3.76
CA SER A 6 18.15 -3.06 -2.68
C SER A 6 17.49 -1.78 -2.19
N GLY A 7 16.40 -1.95 -1.44
CA GLY A 7 15.68 -0.80 -0.91
C GLY A 7 14.20 -1.07 -0.74
N PRO A 8 13.57 -0.36 0.22
CA PRO A 8 12.15 -0.52 0.50
C PRO A 8 11.27 0.03 -0.62
N GLU A 9 11.90 0.49 -1.70
CA GLU A 9 11.18 1.05 -2.83
C GLU A 9 10.10 0.08 -3.31
N GLY A 10 8.86 0.57 -3.33
CA GLY A 10 7.75 -0.27 -3.76
C GLY A 10 7.05 -0.95 -2.61
N SER A 11 6.27 -0.18 -1.85
CA SER A 11 5.55 -0.72 -0.70
C SER A 11 4.51 0.29 -0.20
N TRP A 12 3.68 -0.16 0.74
CA TRP A 12 2.64 0.69 1.31
C TRP A 12 2.61 0.58 2.81
N ASP A 13 2.87 1.69 3.50
CA ASP A 13 2.87 1.70 4.96
C ASP A 13 1.45 1.64 5.50
N CYS A 14 1.30 1.07 6.70
CA CYS A 14 -0.01 0.95 7.33
C CYS A 14 -0.27 2.09 8.30
N GLU A 15 -1.54 2.34 8.60
CA GLU A 15 -1.91 3.42 9.52
C GLU A 15 -2.56 2.84 10.78
N LEU A 16 -3.18 1.69 10.64
CA LEU A 16 -3.85 1.04 11.77
C LEU A 16 -2.87 0.76 12.89
N CYS A 17 -1.75 0.11 12.56
CA CYS A 17 -0.73 -0.22 13.54
C CYS A 17 0.59 0.46 13.19
N LEU A 18 0.59 1.22 12.10
CA LEU A 18 1.79 1.92 11.66
C LEU A 18 2.91 0.94 11.34
N VAL A 19 2.57 -0.13 10.61
CA VAL A 19 3.55 -1.14 10.23
C VAL A 19 3.67 -1.25 8.72
N GLN A 20 4.89 -1.14 8.21
CA GLN A 20 5.13 -1.23 6.77
C GLN A 20 4.91 -2.66 6.28
N ASN A 21 4.49 -2.78 5.01
CA ASN A 21 4.24 -4.09 4.42
C ASN A 21 4.79 -4.14 3.00
N LYS A 22 4.71 -5.32 2.38
CA LYS A 22 5.20 -5.52 1.02
C LYS A 22 4.20 -4.99 0.01
N ALA A 23 4.69 -4.27 -0.99
CA ALA A 23 3.83 -3.71 -2.02
C ALA A 23 2.87 -4.75 -2.56
N ASP A 24 3.38 -5.97 -2.77
CA ASP A 24 2.55 -7.06 -3.28
C ASP A 24 1.39 -7.35 -2.34
N SER A 25 1.66 -7.39 -1.04
CA SER A 25 0.63 -7.65 -0.05
C SER A 25 -0.47 -6.60 -0.11
N THR A 26 -1.70 -7.04 0.09
CA THR A 26 -2.85 -6.13 0.05
C THR A 26 -3.29 -5.77 1.46
N LYS A 27 -3.21 -6.72 2.38
CA LYS A 27 -3.61 -6.49 3.76
C LYS A 27 -2.37 -6.41 4.67
N CYS A 28 -2.59 -5.93 5.89
CA CYS A 28 -1.51 -5.80 6.86
C CYS A 28 -1.18 -7.14 7.50
N LEU A 29 -0.08 -7.19 8.26
CA LEU A 29 0.32 -8.41 8.93
C LEU A 29 0.27 -8.24 10.45
N ALA A 30 0.62 -7.05 10.92
CA ALA A 30 0.61 -6.76 12.34
C ALA A 30 -0.81 -6.58 12.86
N CYS A 31 -1.63 -5.87 12.09
CA CYS A 31 -3.02 -5.61 12.47
C CYS A 31 -3.98 -6.37 11.55
N GLU A 32 -3.48 -6.78 10.39
CA GLU A 32 -4.29 -7.51 9.42
C GLU A 32 -5.49 -6.68 8.98
N SER A 33 -5.25 -5.39 8.75
CA SER A 33 -6.32 -4.49 8.31
C SER A 33 -6.24 -4.21 6.82
N ALA A 34 -7.39 -3.99 6.19
CA ALA A 34 -7.44 -3.71 4.77
C ALA A 34 -6.62 -2.48 4.41
N LYS A 35 -5.79 -2.60 3.37
CA LYS A 35 -4.95 -1.49 2.93
C LYS A 35 -5.79 -0.40 2.28
N PRO A 36 -5.40 0.86 2.51
CA PRO A 36 -6.10 2.01 1.95
C PRO A 36 -5.91 2.14 0.45
N GLY A 37 -7.03 2.28 -0.28
CA GLY A 37 -6.96 2.39 -1.73
C GLY A 37 -6.81 3.84 -2.18
N THR A 38 -6.63 4.03 -3.48
CA THR A 38 -6.47 5.36 -4.04
C THR A 38 -7.60 5.69 -5.01
N LYS A 39 -8.54 6.52 -4.55
CA LYS A 39 -9.68 6.91 -5.38
C LYS A 39 -9.93 8.42 -5.27
N SER A 40 -10.68 8.95 -6.23
CA SER A 40 -11.00 10.37 -6.24
C SER A 40 -9.72 11.21 -6.16
N GLY A 41 -8.71 10.80 -6.91
CA GLY A 41 -7.45 11.52 -6.90
C GLY A 41 -7.03 11.98 -8.29
N PHE A 42 -7.20 11.09 -9.27
CA PHE A 42 -6.83 11.41 -10.65
C PHE A 42 -8.07 11.75 -11.46
N LYS A 43 -8.23 13.03 -11.79
CA LYS A 43 -9.38 13.49 -12.57
C LYS A 43 -9.01 13.61 -14.04
N GLY A 44 -10.02 13.73 -14.89
CA GLY A 44 -9.80 13.85 -16.32
C GLY A 44 -11.08 13.93 -17.11
N PHE A 45 -11.22 13.06 -18.12
CA PHE A 45 -12.40 13.04 -18.95
C PHE A 45 -13.55 12.33 -18.24
N ASP A 46 -13.28 11.13 -17.74
CA ASP A 46 -14.30 10.35 -17.04
C ASP A 46 -15.18 11.25 -16.19
N THR A 47 -14.58 11.92 -15.21
CA THR A 47 -15.32 12.81 -14.32
C THR A 47 -16.19 13.78 -15.12
N GLY A 1 11.29 9.77 -24.58
CA GLY A 1 10.53 8.63 -25.06
C GLY A 1 9.50 8.16 -24.06
N SER A 2 9.97 7.62 -22.94
CA SER A 2 9.08 7.11 -21.90
C SER A 2 8.93 8.14 -20.78
N SER A 3 7.68 8.53 -20.50
CA SER A 3 7.40 9.51 -19.46
C SER A 3 7.62 8.90 -18.08
N GLY A 4 7.10 7.70 -17.87
CA GLY A 4 7.27 7.03 -16.59
C GLY A 4 6.00 6.32 -16.14
N SER A 5 5.76 6.30 -14.83
CA SER A 5 4.59 5.65 -14.28
C SER A 5 4.08 6.38 -13.04
N SER A 6 2.78 6.37 -12.84
CA SER A 6 2.17 7.03 -11.69
C SER A 6 2.01 6.06 -10.53
N GLY A 7 2.25 6.55 -9.31
CA GLY A 7 2.13 5.71 -8.13
C GLY A 7 3.41 4.96 -7.81
N PRO A 8 4.14 5.44 -6.79
CA PRO A 8 5.40 4.82 -6.37
C PRO A 8 5.19 3.46 -5.71
N GLU A 9 5.16 2.41 -6.53
CA GLU A 9 4.96 1.05 -6.03
C GLU A 9 6.16 0.61 -5.21
N GLY A 10 5.89 -0.16 -4.16
CA GLY A 10 6.95 -0.65 -3.29
C GLY A 10 6.43 -1.16 -1.96
N SER A 11 6.15 -0.24 -1.05
CA SER A 11 5.65 -0.61 0.28
C SER A 11 4.65 0.43 0.78
N TRP A 12 3.57 -0.05 1.39
CA TRP A 12 2.53 0.83 1.92
C TRP A 12 2.55 0.83 3.45
N ASP A 13 2.76 2.00 4.04
CA ASP A 13 2.80 2.13 5.48
C ASP A 13 1.39 2.06 6.07
N CYS A 14 1.19 1.09 6.97
CA CYS A 14 -0.11 0.91 7.61
C CYS A 14 -0.38 2.02 8.63
N GLU A 15 -1.39 2.83 8.36
CA GLU A 15 -1.76 3.93 9.25
C GLU A 15 -2.57 3.43 10.43
N LEU A 16 -2.66 2.10 10.56
CA LEU A 16 -3.41 1.48 11.65
C LEU A 16 -2.49 1.13 12.81
N CYS A 17 -1.46 0.35 12.52
CA CYS A 17 -0.50 -0.07 13.54
C CYS A 17 0.88 0.51 13.25
N LEU A 18 0.97 1.35 12.23
CA LEU A 18 2.24 1.97 11.85
C LEU A 18 3.25 0.92 11.44
N VAL A 19 2.81 -0.07 10.67
CA VAL A 19 3.69 -1.13 10.21
C VAL A 19 3.73 -1.19 8.69
N GLN A 20 4.93 -1.07 8.13
CA GLN A 20 5.10 -1.12 6.68
C GLN A 20 4.75 -2.50 6.13
N ASN A 21 4.34 -2.54 4.87
CA ASN A 21 3.97 -3.79 4.22
C ASN A 21 4.33 -3.76 2.73
N LYS A 22 4.70 -4.92 2.20
CA LYS A 22 5.05 -5.04 0.79
C LYS A 22 3.85 -4.76 -0.11
N ALA A 23 4.07 -3.96 -1.15
CA ALA A 23 3.00 -3.62 -2.08
C ALA A 23 2.28 -4.88 -2.58
N ASP A 24 3.05 -5.92 -2.86
CA ASP A 24 2.48 -7.18 -3.33
C ASP A 24 1.32 -7.62 -2.46
N SER A 25 1.49 -7.48 -1.14
CA SER A 25 0.45 -7.87 -0.20
C SER A 25 -0.81 -7.04 -0.41
N THR A 26 -1.92 -7.51 0.17
CA THR A 26 -3.19 -6.81 0.04
C THR A 26 -3.64 -6.24 1.39
N LYS A 27 -3.19 -6.87 2.46
CA LYS A 27 -3.54 -6.42 3.81
C LYS A 27 -2.31 -6.40 4.72
N CYS A 28 -2.49 -5.90 5.94
CA CYS A 28 -1.40 -5.82 6.90
C CYS A 28 -1.10 -7.21 7.49
N LEU A 29 -0.05 -7.28 8.29
CA LEU A 29 0.35 -8.54 8.92
C LEU A 29 0.23 -8.45 10.44
N ALA A 30 0.54 -7.27 10.98
CA ALA A 30 0.47 -7.06 12.42
C ALA A 30 -0.98 -6.92 12.88
N CYS A 31 -1.75 -6.13 12.14
CA CYS A 31 -3.16 -5.90 12.48
C CYS A 31 -4.07 -6.60 11.48
N GLU A 32 -3.52 -6.92 10.31
CA GLU A 32 -4.29 -7.60 9.28
C GLU A 32 -5.44 -6.73 8.79
N SER A 33 -5.15 -5.45 8.55
CA SER A 33 -6.16 -4.50 8.08
C SER A 33 -6.13 -4.37 6.56
N ALA A 34 -7.25 -3.95 6.00
CA ALA A 34 -7.35 -3.78 4.55
C ALA A 34 -6.48 -2.63 4.07
N LYS A 35 -5.61 -2.91 3.11
CA LYS A 35 -4.71 -1.90 2.56
C LYS A 35 -5.50 -0.79 1.86
N PRO A 36 -5.05 0.46 2.04
CA PRO A 36 -5.70 1.62 1.43
C PRO A 36 -5.50 1.67 -0.08
N GLY A 37 -6.61 1.66 -0.82
CA GLY A 37 -6.53 1.71 -2.26
C GLY A 37 -5.85 2.97 -2.77
N THR A 38 -5.27 2.89 -3.97
CA THR A 38 -4.59 4.02 -4.57
C THR A 38 -5.50 4.78 -5.52
N LYS A 39 -5.35 6.10 -5.57
CA LYS A 39 -6.15 6.94 -6.44
C LYS A 39 -5.91 6.59 -7.91
N SER A 40 -4.64 6.50 -8.28
CA SER A 40 -4.27 6.19 -9.66
C SER A 40 -5.17 5.10 -10.22
N GLY A 41 -5.27 3.99 -9.51
CA GLY A 41 -6.11 2.89 -9.95
C GLY A 41 -7.18 2.53 -8.94
N PHE A 42 -8.41 2.94 -9.22
CA PHE A 42 -9.53 2.67 -8.33
C PHE A 42 -10.11 1.28 -8.61
N LYS A 43 -10.73 1.12 -9.77
CA LYS A 43 -11.32 -0.15 -10.15
C LYS A 43 -10.41 -1.31 -9.78
N GLY A 44 -9.11 -1.05 -9.75
CA GLY A 44 -8.15 -2.09 -9.40
C GLY A 44 -8.67 -3.01 -8.32
N PHE A 45 -8.84 -2.47 -7.11
CA PHE A 45 -9.33 -3.27 -5.99
C PHE A 45 -10.86 -3.30 -5.97
N ASP A 46 -11.42 -4.50 -5.97
CA ASP A 46 -12.86 -4.67 -5.95
C ASP A 46 -13.38 -4.69 -4.52
N THR A 47 -12.81 -5.56 -3.70
CA THR A 47 -13.22 -5.67 -2.30
C THR A 47 -12.31 -4.86 -1.39
N GLY A 1 3.06 10.95 -18.26
CA GLY A 1 3.63 9.78 -18.91
C GLY A 1 5.14 9.71 -18.75
N SER A 2 5.60 9.70 -17.50
CA SER A 2 7.03 9.64 -17.22
C SER A 2 7.53 8.19 -17.24
N SER A 3 8.46 7.91 -18.15
CA SER A 3 9.01 6.56 -18.26
C SER A 3 9.79 6.18 -17.01
N GLY A 4 10.02 4.89 -16.85
CA GLY A 4 10.75 4.40 -15.69
C GLY A 4 9.85 3.75 -14.65
N SER A 5 9.19 4.58 -13.85
CA SER A 5 8.30 4.08 -12.81
C SER A 5 6.86 3.96 -13.33
N SER A 6 6.37 2.74 -13.42
CA SER A 6 5.01 2.49 -13.91
C SER A 6 4.30 1.45 -13.04
N GLY A 7 2.97 1.45 -13.10
CA GLY A 7 2.20 0.50 -12.31
C GLY A 7 2.10 0.91 -10.85
N PRO A 8 1.06 0.41 -10.17
CA PRO A 8 0.84 0.69 -8.75
C PRO A 8 1.88 0.04 -7.85
N GLU A 9 2.84 -0.65 -8.46
CA GLU A 9 3.90 -1.32 -7.71
C GLU A 9 4.58 -0.36 -6.74
N GLY A 10 4.42 -0.60 -5.45
CA GLY A 10 5.03 0.25 -4.44
C GLY A 10 4.57 -0.10 -3.04
N SER A 11 5.53 -0.13 -2.11
CA SER A 11 5.22 -0.45 -0.72
C SER A 11 4.16 0.49 -0.16
N TRP A 12 3.47 0.04 0.88
CA TRP A 12 2.44 0.84 1.51
C TRP A 12 2.49 0.72 3.03
N ASP A 13 2.73 1.83 3.71
CA ASP A 13 2.80 1.85 5.16
C ASP A 13 1.41 1.85 5.78
N CYS A 14 1.24 1.10 6.85
CA CYS A 14 -0.05 1.01 7.54
C CYS A 14 -0.23 2.20 8.48
N GLU A 15 -1.48 2.48 8.83
CA GLU A 15 -1.81 3.58 9.72
C GLU A 15 -2.44 3.08 11.00
N LEU A 16 -3.06 1.91 10.93
CA LEU A 16 -3.72 1.31 12.09
C LEU A 16 -2.69 0.95 13.17
N CYS A 17 -1.64 0.26 12.76
CA CYS A 17 -0.58 -0.16 13.68
C CYS A 17 0.73 0.55 13.35
N LEU A 18 0.73 1.31 12.26
CA LEU A 18 1.92 2.03 11.84
C LEU A 18 3.05 1.06 11.50
N VAL A 19 2.71 -0.01 10.80
CA VAL A 19 3.71 -1.01 10.41
C VAL A 19 3.76 -1.18 8.89
N GLN A 20 4.93 -0.96 8.32
CA GLN A 20 5.12 -1.09 6.88
C GLN A 20 4.84 -2.51 6.42
N ASN A 21 4.51 -2.66 5.14
CA ASN A 21 4.22 -3.99 4.58
C ASN A 21 4.72 -4.07 3.13
N LYS A 22 4.67 -5.28 2.58
CA LYS A 22 5.11 -5.51 1.21
C LYS A 22 4.03 -5.10 0.22
N ALA A 23 4.44 -4.49 -0.88
CA ALA A 23 3.50 -4.05 -1.91
C ALA A 23 2.60 -5.20 -2.35
N ASP A 24 3.22 -6.32 -2.69
CA ASP A 24 2.48 -7.51 -3.13
C ASP A 24 1.30 -7.78 -2.19
N SER A 25 1.56 -7.70 -0.89
CA SER A 25 0.52 -7.95 0.11
C SER A 25 -0.64 -7.00 -0.07
N THR A 26 -1.85 -7.51 0.15
CA THR A 26 -3.06 -6.70 0.02
C THR A 26 -3.45 -6.05 1.34
N LYS A 27 -3.24 -6.79 2.43
CA LYS A 27 -3.56 -6.28 3.76
C LYS A 27 -2.32 -6.25 4.65
N CYS A 28 -2.47 -5.70 5.84
CA CYS A 28 -1.36 -5.59 6.78
C CYS A 28 -0.95 -6.98 7.28
N LEU A 29 0.11 -7.02 8.09
CA LEU A 29 0.60 -8.28 8.64
C LEU A 29 0.45 -8.31 10.15
N ALA A 30 0.60 -7.14 10.78
CA ALA A 30 0.48 -7.02 12.22
C ALA A 30 -0.98 -6.95 12.65
N CYS A 31 -1.76 -6.12 11.94
CA CYS A 31 -3.18 -5.96 12.25
C CYS A 31 -4.04 -6.56 11.15
N GLU A 32 -3.42 -6.89 10.02
CA GLU A 32 -4.13 -7.47 8.89
C GLU A 32 -5.28 -6.58 8.45
N SER A 33 -5.01 -5.28 8.35
CA SER A 33 -6.03 -4.31 7.95
C SER A 33 -6.00 -4.09 6.44
N ALA A 34 -7.17 -3.96 5.85
CA ALA A 34 -7.28 -3.74 4.41
C ALA A 34 -6.52 -2.49 3.98
N LYS A 35 -5.60 -2.66 3.04
CA LYS A 35 -4.80 -1.55 2.55
C LYS A 35 -5.69 -0.42 2.05
N PRO A 36 -5.28 0.83 2.35
CA PRO A 36 -6.04 2.02 1.94
C PRO A 36 -5.97 2.26 0.43
N GLY A 37 -6.94 1.71 -0.30
CA GLY A 37 -6.97 1.88 -1.73
C GLY A 37 -8.37 1.74 -2.30
N THR A 38 -8.49 1.90 -3.61
CA THR A 38 -9.79 1.80 -4.28
C THR A 38 -10.00 0.40 -4.83
N LYS A 39 -9.00 -0.14 -5.52
CA LYS A 39 -9.09 -1.48 -6.09
C LYS A 39 -7.71 -2.15 -6.10
N SER A 40 -7.57 -3.21 -5.31
CA SER A 40 -6.31 -3.94 -5.23
C SER A 40 -5.73 -4.16 -6.62
N GLY A 41 -6.52 -4.75 -7.50
CA GLY A 41 -6.06 -5.01 -8.85
C GLY A 41 -6.42 -6.40 -9.33
N PHE A 42 -5.87 -7.41 -8.66
CA PHE A 42 -6.15 -8.80 -9.03
C PHE A 42 -7.38 -9.32 -8.30
N LYS A 43 -8.48 -9.48 -9.04
CA LYS A 43 -9.72 -9.97 -8.47
C LYS A 43 -9.67 -11.49 -8.29
N GLY A 44 -9.27 -12.19 -9.34
CA GLY A 44 -9.18 -13.64 -9.27
C GLY A 44 -10.38 -14.32 -9.92
N PHE A 45 -10.39 -15.65 -9.91
CA PHE A 45 -11.48 -16.42 -10.49
C PHE A 45 -12.67 -16.48 -9.54
N ASP A 46 -13.86 -16.21 -10.07
CA ASP A 46 -15.08 -16.25 -9.27
C ASP A 46 -15.57 -17.68 -9.09
N THR A 47 -14.72 -18.65 -9.42
CA THR A 47 -15.07 -20.05 -9.30
C THR A 47 -13.83 -20.91 -9.07
N GLY A 1 9.45 16.24 -3.91
CA GLY A 1 9.65 15.23 -4.93
C GLY A 1 10.76 14.26 -4.56
N SER A 2 11.99 14.61 -4.89
CA SER A 2 13.13 13.76 -4.60
C SER A 2 13.00 13.11 -3.22
N SER A 3 12.70 13.93 -2.21
CA SER A 3 12.54 13.44 -0.85
C SER A 3 11.38 12.45 -0.77
N GLY A 4 10.23 12.83 -1.32
CA GLY A 4 9.07 11.98 -1.29
C GLY A 4 7.77 12.75 -1.20
N SER A 5 7.49 13.56 -2.22
CA SER A 5 6.28 14.36 -2.25
C SER A 5 5.11 13.56 -2.80
N SER A 6 5.36 12.85 -3.89
CA SER A 6 4.32 12.03 -4.52
C SER A 6 3.71 11.06 -3.52
N GLY A 7 4.56 10.38 -2.77
CA GLY A 7 4.07 9.43 -1.78
C GLY A 7 4.76 8.08 -1.89
N PRO A 8 4.07 7.03 -1.44
CA PRO A 8 4.61 5.66 -1.47
C PRO A 8 4.71 5.11 -2.89
N GLU A 9 5.93 4.94 -3.37
CA GLU A 9 6.16 4.42 -4.71
C GLU A 9 5.88 2.92 -4.77
N GLY A 10 6.37 2.20 -3.78
CA GLY A 10 6.16 0.75 -3.74
C GLY A 10 5.43 0.31 -2.49
N SER A 11 6.18 -0.01 -1.44
CA SER A 11 5.59 -0.46 -0.19
C SER A 11 4.54 0.52 0.30
N TRP A 12 3.73 0.09 1.26
CA TRP A 12 2.68 0.94 1.81
C TRP A 12 2.60 0.77 3.32
N ASP A 13 2.83 1.88 4.05
CA ASP A 13 2.78 1.85 5.50
C ASP A 13 1.33 1.74 6.00
N CYS A 14 1.11 0.88 6.98
CA CYS A 14 -0.22 0.68 7.54
C CYS A 14 -0.58 1.80 8.51
N GLU A 15 -1.54 2.63 8.12
CA GLU A 15 -1.98 3.74 8.95
C GLU A 15 -2.74 3.25 10.18
N LEU A 16 -2.81 1.92 10.32
CA LEU A 16 -3.51 1.31 11.45
C LEU A 16 -2.55 1.08 12.61
N CYS A 17 -1.48 0.34 12.34
CA CYS A 17 -0.49 0.03 13.36
C CYS A 17 0.87 0.61 12.98
N LEU A 18 0.90 1.44 11.94
CA LEU A 18 2.13 2.05 11.48
C LEU A 18 3.19 1.00 11.16
N VAL A 19 2.79 -0.03 10.42
CA VAL A 19 3.70 -1.11 10.04
C VAL A 19 4.14 -0.97 8.58
N GLN A 20 5.33 -1.47 8.29
CA GLN A 20 5.87 -1.40 6.94
C GLN A 20 5.60 -2.70 6.18
N ASN A 21 4.64 -2.66 5.26
CA ASN A 21 4.29 -3.84 4.47
C ASN A 21 4.82 -3.71 3.04
N LYS A 22 4.59 -4.74 2.25
CA LYS A 22 5.03 -4.75 0.86
C LYS A 22 3.86 -4.56 -0.09
N ALA A 23 4.13 -3.93 -1.23
CA ALA A 23 3.09 -3.68 -2.23
C ALA A 23 2.30 -4.95 -2.53
N ASP A 24 3.01 -6.01 -2.90
CA ASP A 24 2.37 -7.28 -3.22
C ASP A 24 1.21 -7.55 -2.27
N SER A 25 1.49 -7.55 -0.97
CA SER A 25 0.47 -7.80 0.04
C SER A 25 -0.54 -6.66 0.09
N THR A 26 -1.81 -7.00 -0.08
CA THR A 26 -2.88 -6.00 -0.05
C THR A 26 -3.49 -5.89 1.34
N LYS A 27 -2.81 -6.45 2.32
CA LYS A 27 -3.29 -6.42 3.69
C LYS A 27 -2.12 -6.32 4.67
N CYS A 28 -2.45 -6.18 5.96
CA CYS A 28 -1.43 -6.08 6.99
C CYS A 28 -1.14 -7.45 7.62
N LEU A 29 -0.06 -7.53 8.38
CA LEU A 29 0.32 -8.78 9.03
C LEU A 29 0.16 -8.67 10.55
N ALA A 30 0.34 -7.47 11.07
CA ALA A 30 0.22 -7.23 12.51
C ALA A 30 -1.25 -7.12 12.91
N CYS A 31 -1.95 -6.16 12.31
CA CYS A 31 -3.35 -5.94 12.63
C CYS A 31 -4.24 -6.61 11.57
N GLU A 32 -3.66 -6.93 10.42
CA GLU A 32 -4.41 -7.57 9.35
C GLU A 32 -5.50 -6.65 8.81
N SER A 33 -5.23 -5.35 8.82
CA SER A 33 -6.19 -4.37 8.34
C SER A 33 -6.14 -4.24 6.83
N ALA A 34 -7.29 -3.93 6.22
CA ALA A 34 -7.37 -3.78 4.77
C ALA A 34 -6.55 -2.59 4.30
N LYS A 35 -5.73 -2.79 3.28
CA LYS A 35 -4.89 -1.73 2.73
C LYS A 35 -5.74 -0.71 1.99
N PRO A 36 -5.39 0.58 2.16
CA PRO A 36 -6.12 1.68 1.50
C PRO A 36 -5.90 1.71 0.00
N GLY A 37 -6.90 1.29 -0.75
CA GLY A 37 -6.79 1.28 -2.20
C GLY A 37 -7.91 0.50 -2.86
N THR A 38 -9.15 0.89 -2.57
CA THR A 38 -10.31 0.23 -3.14
C THR A 38 -10.61 0.74 -4.54
N LYS A 39 -10.77 2.05 -4.66
CA LYS A 39 -11.04 2.67 -5.95
C LYS A 39 -9.76 2.97 -6.71
N SER A 40 -8.90 3.80 -6.09
CA SER A 40 -7.63 4.17 -6.71
C SER A 40 -6.49 4.06 -5.70
N GLY A 41 -5.38 3.47 -6.15
CA GLY A 41 -4.23 3.31 -5.28
C GLY A 41 -2.92 3.60 -5.99
N PHE A 42 -2.38 2.59 -6.66
CA PHE A 42 -1.11 2.75 -7.39
C PHE A 42 -1.09 4.07 -8.15
N LYS A 43 -2.20 4.39 -8.80
CA LYS A 43 -2.31 5.61 -9.58
C LYS A 43 -2.68 6.80 -8.68
N GLY A 44 -3.86 6.71 -8.06
CA GLY A 44 -4.30 7.77 -7.18
C GLY A 44 -4.89 8.95 -7.94
N PHE A 45 -6.14 9.28 -7.64
CA PHE A 45 -6.81 10.39 -8.30
C PHE A 45 -6.63 11.70 -7.52
N ASP A 46 -6.83 11.62 -6.22
CA ASP A 46 -6.68 12.79 -5.35
C ASP A 46 -5.27 12.88 -4.79
N THR A 47 -5.00 13.94 -4.03
CA THR A 47 -3.69 14.14 -3.43
C THR A 47 -3.68 13.70 -1.98
N GLY A 1 22.23 13.89 5.00
CA GLY A 1 22.22 12.43 4.97
C GLY A 1 21.73 11.83 6.26
N SER A 2 21.48 10.52 6.25
CA SER A 2 20.98 9.82 7.43
C SER A 2 19.66 10.41 7.89
N SER A 3 18.78 10.70 6.94
CA SER A 3 17.48 11.27 7.26
C SER A 3 16.37 10.60 6.44
N GLY A 4 15.47 9.90 7.14
CA GLY A 4 14.39 9.22 6.46
C GLY A 4 14.21 7.79 6.94
N SER A 5 13.29 7.07 6.31
CA SER A 5 13.02 5.69 6.68
C SER A 5 13.62 4.72 5.67
N SER A 6 13.65 3.44 6.02
CA SER A 6 14.21 2.41 5.15
C SER A 6 13.11 1.76 4.31
N GLY A 7 13.45 1.42 3.07
CA GLY A 7 12.48 0.79 2.19
C GLY A 7 12.37 1.51 0.85
N PRO A 8 12.43 0.73 -0.25
CA PRO A 8 12.34 1.27 -1.60
C PRO A 8 10.95 1.81 -1.92
N GLU A 9 10.82 2.46 -3.08
CA GLU A 9 9.55 3.02 -3.50
C GLU A 9 8.60 1.92 -3.97
N GLY A 10 7.42 1.84 -3.34
CA GLY A 10 6.45 0.84 -3.72
C GLY A 10 5.64 0.35 -2.52
N SER A 11 6.35 -0.07 -1.47
CA SER A 11 5.70 -0.57 -0.27
C SER A 11 4.67 0.43 0.25
N TRP A 12 3.61 -0.08 0.86
CA TRP A 12 2.56 0.77 1.41
C TRP A 12 2.55 0.72 2.93
N ASP A 13 2.83 1.86 3.55
CA ASP A 13 2.85 1.95 5.01
C ASP A 13 1.43 1.89 5.58
N CYS A 14 1.27 1.09 6.63
CA CYS A 14 -0.04 0.95 7.27
C CYS A 14 -0.31 2.10 8.22
N GLU A 15 -1.59 2.34 8.51
CA GLU A 15 -1.99 3.42 9.41
C GLU A 15 -2.62 2.87 10.69
N LEU A 16 -3.21 1.67 10.57
CA LEU A 16 -3.86 1.03 11.71
C LEU A 16 -2.86 0.79 12.83
N CYS A 17 -1.79 0.06 12.52
CA CYS A 17 -0.75 -0.24 13.50
C CYS A 17 0.55 0.46 13.15
N LEU A 18 0.53 1.22 12.06
CA LEU A 18 1.72 1.94 11.62
C LEU A 18 2.86 0.98 11.30
N VAL A 19 2.54 -0.09 10.59
CA VAL A 19 3.54 -1.09 10.21
C VAL A 19 3.62 -1.24 8.70
N GLN A 20 4.82 -1.04 8.16
CA GLN A 20 5.04 -1.15 6.72
C GLN A 20 4.76 -2.56 6.23
N ASN A 21 4.39 -2.69 4.96
CA ASN A 21 4.10 -3.99 4.37
C ASN A 21 4.69 -4.11 2.97
N LYS A 22 4.53 -5.27 2.35
CA LYS A 22 5.03 -5.51 1.01
C LYS A 22 3.99 -5.16 -0.05
N ALA A 23 4.38 -4.31 -1.00
CA ALA A 23 3.48 -3.90 -2.07
C ALA A 23 2.65 -5.09 -2.57
N ASP A 24 3.16 -6.29 -2.38
CA ASP A 24 2.47 -7.49 -2.81
C ASP A 24 1.27 -7.78 -1.90
N SER A 25 1.51 -7.75 -0.59
CA SER A 25 0.45 -8.02 0.37
C SER A 25 -0.54 -6.86 0.43
N THR A 26 -1.77 -7.13 -0.01
CA THR A 26 -2.81 -6.10 -0.02
C THR A 26 -3.25 -5.75 1.41
N LYS A 27 -3.16 -6.73 2.30
CA LYS A 27 -3.54 -6.51 3.70
C LYS A 27 -2.31 -6.43 4.60
N CYS A 28 -2.50 -5.90 5.80
CA CYS A 28 -1.40 -5.76 6.75
C CYS A 28 -1.01 -7.12 7.33
N LEU A 29 0.09 -7.15 8.08
CA LEU A 29 0.57 -8.37 8.70
C LEU A 29 0.50 -8.27 10.22
N ALA A 30 0.71 -7.07 10.74
CA ALA A 30 0.68 -6.83 12.18
C ALA A 30 -0.76 -6.72 12.68
N CYS A 31 -1.58 -5.97 11.94
CA CYS A 31 -2.97 -5.77 12.32
C CYS A 31 -3.90 -6.52 11.36
N GLU A 32 -3.36 -6.89 10.20
CA GLU A 32 -4.14 -7.61 9.20
C GLU A 32 -5.34 -6.77 8.73
N SER A 33 -5.13 -5.46 8.63
CA SER A 33 -6.18 -4.55 8.21
C SER A 33 -6.11 -4.30 6.70
N ALA A 34 -7.22 -3.83 6.13
CA ALA A 34 -7.28 -3.55 4.71
C ALA A 34 -6.45 -2.33 4.34
N LYS A 35 -5.69 -2.43 3.24
CA LYS A 35 -4.84 -1.34 2.79
C LYS A 35 -5.69 -0.18 2.28
N PRO A 36 -5.31 1.04 2.69
CA PRO A 36 -6.02 2.27 2.28
C PRO A 36 -5.82 2.59 0.81
N GLY A 37 -6.90 2.90 0.11
CA GLY A 37 -6.82 3.22 -1.30
C GLY A 37 -7.75 4.35 -1.69
N THR A 38 -7.25 5.27 -2.51
CA THR A 38 -8.04 6.40 -2.96
C THR A 38 -9.24 5.95 -3.80
N LYS A 39 -10.45 6.19 -3.28
CA LYS A 39 -11.66 5.80 -3.98
C LYS A 39 -11.76 6.51 -5.33
N SER A 40 -11.76 7.84 -5.29
CA SER A 40 -11.85 8.64 -6.52
C SER A 40 -10.48 8.83 -7.14
N GLY A 41 -10.46 9.00 -8.46
CA GLY A 41 -9.19 9.20 -9.15
C GLY A 41 -8.74 10.63 -9.14
N PHE A 42 -7.52 10.88 -9.62
CA PHE A 42 -6.98 12.23 -9.66
C PHE A 42 -6.08 12.42 -10.88
N LYS A 43 -5.80 13.68 -11.22
CA LYS A 43 -4.96 14.00 -12.36
C LYS A 43 -3.93 15.05 -12.00
N GLY A 44 -2.72 14.92 -12.56
CA GLY A 44 -1.67 15.87 -12.29
C GLY A 44 -0.29 15.29 -12.52
N PHE A 45 -0.10 14.03 -12.12
CA PHE A 45 1.18 13.36 -12.29
C PHE A 45 1.08 12.26 -13.34
N ASP A 46 2.23 11.81 -13.83
CA ASP A 46 2.28 10.76 -14.83
C ASP A 46 1.94 9.40 -14.21
N THR A 47 2.64 9.05 -13.14
CA THR A 47 2.41 7.79 -12.45
C THR A 47 0.93 7.58 -12.15
N GLY A 1 24.36 12.47 -3.95
CA GLY A 1 24.01 13.80 -3.54
C GLY A 1 22.51 13.97 -3.33
N SER A 2 21.98 13.20 -2.37
CA SER A 2 20.55 13.27 -2.06
C SER A 2 19.71 13.00 -3.31
N SER A 3 20.13 12.02 -4.11
CA SER A 3 19.42 11.66 -5.33
C SER A 3 17.95 11.37 -5.04
N GLY A 4 17.71 10.58 -4.00
CA GLY A 4 16.35 10.23 -3.64
C GLY A 4 15.93 10.83 -2.30
N SER A 5 15.10 11.87 -2.35
CA SER A 5 14.64 12.53 -1.14
C SER A 5 13.28 11.99 -0.71
N SER A 6 12.28 12.16 -1.57
CA SER A 6 10.93 11.69 -1.27
C SER A 6 10.41 10.80 -2.40
N GLY A 7 10.36 9.50 -2.14
CA GLY A 7 9.89 8.56 -3.14
C GLY A 7 10.22 7.12 -2.79
N PRO A 8 9.19 6.35 -2.40
CA PRO A 8 9.34 4.95 -2.02
C PRO A 8 9.67 4.07 -3.22
N GLU A 9 10.22 2.88 -2.94
CA GLU A 9 10.59 1.95 -4.00
C GLU A 9 9.38 1.12 -4.43
N GLY A 10 8.78 0.40 -3.49
CA GLY A 10 7.62 -0.42 -3.78
C GLY A 10 7.01 -1.04 -2.54
N SER A 11 6.36 -0.22 -1.73
CA SER A 11 5.74 -0.70 -0.50
C SER A 11 4.82 0.36 0.09
N TRP A 12 3.84 -0.07 0.87
CA TRP A 12 2.90 0.83 1.50
C TRP A 12 2.93 0.70 3.02
N ASP A 13 2.90 1.84 3.71
CA ASP A 13 2.93 1.84 5.17
C ASP A 13 1.51 1.86 5.74
N CYS A 14 1.28 1.07 6.78
CA CYS A 14 -0.03 0.99 7.41
C CYS A 14 -0.21 2.14 8.40
N GLU A 15 -1.47 2.40 8.77
CA GLU A 15 -1.79 3.46 9.70
C GLU A 15 -2.43 2.90 10.98
N LEU A 16 -3.22 1.86 10.82
CA LEU A 16 -3.89 1.22 11.95
C LEU A 16 -2.89 0.83 13.03
N CYS A 17 -1.78 0.23 12.61
CA CYS A 17 -0.74 -0.19 13.55
C CYS A 17 0.57 0.54 13.26
N LEU A 18 0.59 1.30 12.17
CA LEU A 18 1.79 2.03 11.77
C LEU A 18 2.95 1.08 11.51
N VAL A 19 2.69 0.03 10.75
CA VAL A 19 3.72 -0.95 10.42
C VAL A 19 3.80 -1.15 8.91
N GLN A 20 4.99 -0.94 8.35
CA GLN A 20 5.21 -1.11 6.92
C GLN A 20 4.76 -2.49 6.46
N ASN A 21 4.57 -2.63 5.15
CA ASN A 21 4.13 -3.89 4.58
C ASN A 21 4.58 -4.01 3.12
N LYS A 22 4.47 -5.22 2.57
CA LYS A 22 4.87 -5.47 1.19
C LYS A 22 3.91 -4.78 0.22
N ALA A 23 4.38 -4.59 -1.01
CA ALA A 23 3.56 -3.94 -2.03
C ALA A 23 2.50 -4.89 -2.58
N ASP A 24 2.91 -6.12 -2.86
CA ASP A 24 1.99 -7.13 -3.38
C ASP A 24 0.88 -7.43 -2.38
N SER A 25 1.25 -7.57 -1.12
CA SER A 25 0.29 -7.87 -0.06
C SER A 25 -0.80 -6.79 -0.01
N THR A 26 -2.04 -7.20 -0.23
CA THR A 26 -3.17 -6.29 -0.21
C THR A 26 -3.73 -6.13 1.20
N LYS A 27 -2.94 -6.53 2.19
CA LYS A 27 -3.35 -6.44 3.59
C LYS A 27 -2.14 -6.27 4.50
N CYS A 28 -2.40 -6.04 5.78
CA CYS A 28 -1.34 -5.86 6.76
C CYS A 28 -0.98 -7.18 7.42
N LEU A 29 0.08 -7.18 8.23
CA LEU A 29 0.53 -8.38 8.91
C LEU A 29 0.43 -8.21 10.43
N ALA A 30 0.70 -6.99 10.89
CA ALA A 30 0.64 -6.69 12.32
C ALA A 30 -0.81 -6.58 12.80
N CYS A 31 -1.63 -5.87 12.02
CA CYS A 31 -3.04 -5.69 12.36
C CYS A 31 -3.94 -6.43 11.38
N GLU A 32 -3.38 -6.77 10.22
CA GLU A 32 -4.13 -7.48 9.20
C GLU A 32 -5.33 -6.66 8.73
N SER A 33 -5.12 -5.36 8.58
CA SER A 33 -6.17 -4.46 8.13
C SER A 33 -6.13 -4.26 6.62
N ALA A 34 -7.29 -4.06 6.02
CA ALA A 34 -7.39 -3.85 4.57
C ALA A 34 -6.52 -2.67 4.14
N LYS A 35 -5.76 -2.88 3.07
CA LYS A 35 -4.89 -1.84 2.54
C LYS A 35 -5.70 -0.67 1.99
N PRO A 36 -5.27 0.56 2.31
CA PRO A 36 -5.95 1.77 1.86
C PRO A 36 -5.79 2.00 0.35
N GLY A 37 -6.87 1.77 -0.39
CA GLY A 37 -6.83 1.95 -1.83
C GLY A 37 -8.16 1.65 -2.49
N THR A 38 -8.12 0.88 -3.57
CA THR A 38 -9.33 0.52 -4.30
C THR A 38 -9.49 -0.99 -4.39
N LYS A 39 -10.40 -1.54 -3.60
CA LYS A 39 -10.65 -2.97 -3.58
C LYS A 39 -11.22 -3.44 -4.93
N SER A 40 -10.89 -4.66 -5.32
CA SER A 40 -11.35 -5.22 -6.57
C SER A 40 -12.87 -5.42 -6.54
N GLY A 41 -13.58 -4.63 -7.33
CA GLY A 41 -15.03 -4.74 -7.39
C GLY A 41 -15.71 -3.40 -7.63
N PHE A 42 -15.22 -2.67 -8.63
CA PHE A 42 -15.78 -1.36 -8.96
C PHE A 42 -16.65 -1.45 -10.22
N LYS A 43 -16.22 -2.26 -11.18
CA LYS A 43 -16.95 -2.44 -12.42
C LYS A 43 -17.14 -3.91 -12.74
N GLY A 44 -18.15 -4.22 -13.54
CA GLY A 44 -18.41 -5.60 -13.92
C GLY A 44 -18.18 -5.86 -15.39
N PHE A 45 -17.00 -5.51 -15.87
CA PHE A 45 -16.66 -5.69 -17.27
C PHE A 45 -15.48 -6.67 -17.42
N ASP A 46 -15.46 -7.38 -18.54
CA ASP A 46 -14.39 -8.34 -18.80
C ASP A 46 -13.42 -7.82 -19.85
N THR A 47 -12.19 -7.59 -19.45
CA THR A 47 -11.16 -7.08 -20.35
C THR A 47 -10.69 -8.16 -21.31
N GLY A 1 18.48 -7.62 -1.68
CA GLY A 1 18.27 -8.65 -0.67
C GLY A 1 17.11 -9.55 -1.01
N SER A 2 16.56 -10.23 0.00
CA SER A 2 15.44 -11.13 -0.21
C SER A 2 14.29 -10.43 -0.91
N SER A 3 13.91 -9.26 -0.41
CA SER A 3 12.82 -8.49 -0.99
C SER A 3 13.03 -8.30 -2.49
N GLY A 4 14.23 -7.90 -2.88
CA GLY A 4 14.55 -7.69 -4.28
C GLY A 4 15.85 -6.96 -4.49
N SER A 5 16.45 -7.15 -5.66
CA SER A 5 17.72 -6.50 -5.98
C SER A 5 17.50 -5.18 -6.71
N SER A 6 16.73 -5.24 -7.80
CA SER A 6 16.44 -4.05 -8.60
C SER A 6 16.24 -2.84 -7.70
N GLY A 7 15.27 -2.94 -6.79
CA GLY A 7 14.99 -1.83 -5.89
C GLY A 7 13.54 -1.77 -5.48
N PRO A 8 13.25 -2.15 -4.23
CA PRO A 8 11.88 -2.14 -3.70
C PRO A 8 11.35 -0.74 -3.49
N GLU A 9 10.83 -0.14 -4.56
CA GLU A 9 10.29 1.21 -4.50
C GLU A 9 8.77 1.19 -4.35
N GLY A 10 8.24 0.02 -3.99
CA GLY A 10 6.80 -0.13 -3.82
C GLY A 10 6.44 -0.63 -2.44
N SER A 11 6.32 0.29 -1.49
CA SER A 11 5.97 -0.07 -0.12
C SER A 11 4.96 0.93 0.46
N TRP A 12 3.99 0.41 1.20
CA TRP A 12 2.97 1.24 1.81
C TRP A 12 2.87 0.99 3.30
N ASP A 13 3.30 1.97 4.10
CA ASP A 13 3.27 1.84 5.55
C ASP A 13 1.84 1.90 6.07
N CYS A 14 1.43 0.86 6.79
CA CYS A 14 0.08 0.80 7.34
C CYS A 14 -0.23 2.03 8.17
N GLU A 15 -1.52 2.26 8.43
CA GLU A 15 -1.95 3.41 9.21
C GLU A 15 -2.61 2.97 10.52
N LEU A 16 -3.16 1.76 10.51
CA LEU A 16 -3.82 1.22 11.69
C LEU A 16 -2.81 0.95 12.81
N CYS A 17 -1.70 0.31 12.44
CA CYS A 17 -0.65 -0.01 13.41
C CYS A 17 0.65 0.70 13.06
N LEU A 18 0.64 1.41 11.93
CA LEU A 18 1.82 2.15 11.48
C LEU A 18 2.99 1.20 11.23
N VAL A 19 2.67 0.00 10.73
CA VAL A 19 3.71 -0.99 10.43
C VAL A 19 3.89 -1.16 8.93
N GLN A 20 5.14 -1.22 8.50
CA GLN A 20 5.46 -1.40 7.08
C GLN A 20 4.83 -2.66 6.53
N ASN A 21 4.66 -2.72 5.21
CA ASN A 21 4.07 -3.88 4.56
C ASN A 21 4.47 -3.94 3.09
N LYS A 22 4.39 -5.14 2.52
CA LYS A 22 4.72 -5.33 1.11
C LYS A 22 3.60 -4.86 0.20
N ALA A 23 3.95 -4.34 -0.97
CA ALA A 23 2.97 -3.86 -1.93
C ALA A 23 1.99 -4.97 -2.31
N ASP A 24 2.53 -6.05 -2.87
CA ASP A 24 1.70 -7.18 -3.29
C ASP A 24 0.70 -7.55 -2.20
N SER A 25 1.13 -7.48 -0.95
CA SER A 25 0.27 -7.82 0.18
C SER A 25 -0.92 -6.87 0.26
N THR A 26 -2.10 -7.37 -0.05
CA THR A 26 -3.32 -6.58 -0.03
C THR A 26 -3.86 -6.45 1.39
N LYS A 27 -3.07 -6.90 2.36
CA LYS A 27 -3.47 -6.83 3.76
C LYS A 27 -2.25 -6.72 4.68
N CYS A 28 -2.41 -5.99 5.78
CA CYS A 28 -1.33 -5.80 6.73
C CYS A 28 -0.92 -7.12 7.37
N LEU A 29 0.21 -7.11 8.07
CA LEU A 29 0.71 -8.32 8.73
C LEU A 29 0.61 -8.19 10.25
N ALA A 30 0.66 -6.95 10.73
CA ALA A 30 0.58 -6.69 12.16
C ALA A 30 -0.87 -6.68 12.63
N CYS A 31 -1.70 -5.89 11.96
CA CYS A 31 -3.11 -5.79 12.32
C CYS A 31 -3.98 -6.55 11.32
N GLU A 32 -3.43 -6.82 10.14
CA GLU A 32 -4.15 -7.54 9.11
C GLU A 32 -5.34 -6.73 8.60
N SER A 33 -5.16 -5.42 8.53
CA SER A 33 -6.22 -4.53 8.07
C SER A 33 -6.14 -4.33 6.56
N ALA A 34 -7.29 -4.07 5.94
CA ALA A 34 -7.35 -3.86 4.50
C ALA A 34 -6.47 -2.68 4.09
N LYS A 35 -5.60 -2.92 3.12
CA LYS A 35 -4.70 -1.87 2.63
C LYS A 35 -5.49 -0.72 2.02
N PRO A 36 -5.02 0.51 2.27
CA PRO A 36 -5.67 1.73 1.77
C PRO A 36 -5.52 1.87 0.25
N GLY A 37 -6.43 1.25 -0.49
CA GLY A 37 -6.39 1.32 -1.94
C GLY A 37 -5.83 0.05 -2.56
N THR A 38 -6.71 -0.90 -2.85
CA THR A 38 -6.31 -2.16 -3.45
C THR A 38 -6.85 -2.30 -4.86
N LYS A 39 -6.05 -2.88 -5.75
CA LYS A 39 -6.45 -3.07 -7.13
C LYS A 39 -6.20 -4.51 -7.58
N SER A 40 -7.03 -5.00 -8.50
CA SER A 40 -6.89 -6.36 -9.00
C SER A 40 -5.84 -6.43 -10.11
N GLY A 41 -5.85 -5.44 -11.00
CA GLY A 41 -4.90 -5.41 -12.09
C GLY A 41 -5.53 -4.98 -13.40
N PHE A 42 -4.73 -4.38 -14.27
CA PHE A 42 -5.21 -3.92 -15.56
C PHE A 42 -4.10 -3.94 -16.61
N LYS A 43 -4.47 -4.20 -17.86
CA LYS A 43 -3.49 -4.25 -18.94
C LYS A 43 -2.82 -2.89 -19.12
N GLY A 44 -1.69 -2.90 -19.83
CA GLY A 44 -0.95 -1.67 -20.07
C GLY A 44 -0.54 -1.51 -21.51
N PHE A 45 0.46 -2.29 -21.93
CA PHE A 45 0.94 -2.22 -23.30
C PHE A 45 1.18 -3.62 -23.86
N ASP A 46 1.49 -3.70 -25.15
CA ASP A 46 1.74 -4.98 -25.81
C ASP A 46 3.22 -5.17 -26.08
N THR A 47 3.71 -6.39 -25.88
CA THR A 47 5.11 -6.70 -26.10
C THR A 47 5.39 -6.98 -27.58
N GLY A 1 -0.36 -8.09 -21.03
CA GLY A 1 0.58 -8.33 -22.12
C GLY A 1 2.02 -8.10 -21.71
N SER A 2 2.39 -6.83 -21.53
CA SER A 2 3.75 -6.49 -21.15
C SER A 2 4.16 -7.22 -19.87
N SER A 3 5.28 -7.93 -19.93
CA SER A 3 5.78 -8.67 -18.78
C SER A 3 6.11 -7.74 -17.63
N GLY A 4 5.58 -8.05 -16.45
CA GLY A 4 5.83 -7.22 -15.28
C GLY A 4 6.75 -7.90 -14.29
N SER A 5 7.88 -7.26 -14.00
CA SER A 5 8.86 -7.81 -13.06
C SER A 5 9.62 -6.68 -12.36
N SER A 6 9.69 -6.77 -11.04
CA SER A 6 10.39 -5.76 -10.25
C SER A 6 10.62 -6.25 -8.83
N GLY A 7 11.33 -5.45 -8.03
CA GLY A 7 11.60 -5.82 -6.66
C GLY A 7 10.53 -5.34 -5.70
N PRO A 8 10.50 -5.92 -4.49
CA PRO A 8 9.52 -5.56 -3.47
C PRO A 8 9.77 -4.17 -2.89
N GLU A 9 10.73 -3.46 -3.47
CA GLU A 9 11.07 -2.11 -3.02
C GLU A 9 9.82 -1.38 -2.52
N GLY A 10 8.84 -1.24 -3.41
CA GLY A 10 7.61 -0.56 -3.05
C GLY A 10 6.99 -1.12 -1.78
N SER A 11 6.51 -0.23 -0.92
CA SER A 11 5.88 -0.63 0.34
C SER A 11 4.91 0.42 0.83
N TRP A 12 3.78 -0.02 1.38
CA TRP A 12 2.76 0.89 1.89
C TRP A 12 2.61 0.74 3.40
N ASP A 13 3.04 1.76 4.13
CA ASP A 13 2.96 1.75 5.58
C ASP A 13 1.50 1.76 6.04
N CYS A 14 1.16 0.82 6.93
CA CYS A 14 -0.20 0.72 7.45
C CYS A 14 -0.63 2.03 8.10
N GLU A 15 -1.94 2.26 8.15
CA GLU A 15 -2.48 3.47 8.75
C GLU A 15 -3.15 3.16 10.09
N LEU A 16 -3.15 1.89 10.46
CA LEU A 16 -3.77 1.46 11.72
C LEU A 16 -2.71 1.18 12.77
N CYS A 17 -1.62 0.51 12.36
CA CYS A 17 -0.54 0.19 13.27
C CYS A 17 0.76 0.86 12.83
N LEU A 18 0.77 1.39 11.61
CA LEU A 18 1.94 2.06 11.06
C LEU A 18 3.11 1.09 10.94
N VAL A 19 2.84 -0.08 10.36
CA VAL A 19 3.88 -1.09 10.18
C VAL A 19 4.15 -1.33 8.69
N GLN A 20 5.43 -1.34 8.33
CA GLN A 20 5.82 -1.55 6.94
C GLN A 20 5.18 -2.82 6.38
N ASN A 21 4.78 -2.76 5.12
CA ASN A 21 4.14 -3.90 4.46
C ASN A 21 4.61 -4.02 3.02
N LYS A 22 4.66 -5.25 2.52
CA LYS A 22 5.08 -5.51 1.15
C LYS A 22 4.08 -4.94 0.15
N ALA A 23 4.58 -4.45 -0.97
CA ALA A 23 3.73 -3.89 -2.02
C ALA A 23 2.67 -4.88 -2.47
N ASP A 24 3.13 -6.00 -3.02
CA ASP A 24 2.22 -7.05 -3.49
C ASP A 24 1.11 -7.30 -2.48
N SER A 25 1.48 -7.38 -1.20
CA SER A 25 0.52 -7.64 -0.14
C SER A 25 -0.60 -6.60 -0.17
N THR A 26 -1.83 -7.05 0.06
CA THR A 26 -2.99 -6.16 0.05
C THR A 26 -3.43 -5.84 1.47
N LYS A 27 -3.34 -6.83 2.36
CA LYS A 27 -3.74 -6.65 3.75
C LYS A 27 -2.51 -6.61 4.66
N CYS A 28 -2.60 -5.84 5.74
CA CYS A 28 -1.51 -5.72 6.69
C CYS A 28 -1.12 -7.09 7.25
N LEU A 29 0.03 -7.15 7.91
CA LEU A 29 0.51 -8.39 8.51
C LEU A 29 0.46 -8.33 10.03
N ALA A 30 0.63 -7.13 10.57
CA ALA A 30 0.61 -6.94 12.01
C ALA A 30 -0.81 -6.98 12.54
N CYS A 31 -1.62 -6.01 12.14
CA CYS A 31 -3.01 -5.93 12.58
C CYS A 31 -3.93 -6.67 11.61
N GLU A 32 -3.41 -6.96 10.42
CA GLU A 32 -4.18 -7.66 9.40
C GLU A 32 -5.37 -6.83 8.94
N SER A 33 -5.19 -5.51 8.93
CA SER A 33 -6.24 -4.58 8.52
C SER A 33 -6.32 -4.50 7.00
N ALA A 34 -7.27 -3.73 6.50
CA ALA A 34 -7.45 -3.56 5.06
C ALA A 34 -6.68 -2.35 4.55
N LYS A 35 -5.88 -2.56 3.51
CA LYS A 35 -5.09 -1.49 2.92
C LYS A 35 -5.98 -0.48 2.20
N PRO A 36 -5.64 0.81 2.31
CA PRO A 36 -6.40 1.89 1.68
C PRO A 36 -6.26 1.88 0.16
N GLY A 37 -7.31 1.44 -0.53
CA GLY A 37 -7.28 1.39 -1.98
C GLY A 37 -7.83 0.09 -2.53
N THR A 38 -7.99 0.02 -3.84
CA THR A 38 -8.52 -1.17 -4.49
C THR A 38 -7.77 -1.46 -5.78
N LYS A 39 -7.94 -2.68 -6.31
CA LYS A 39 -7.30 -3.08 -7.54
C LYS A 39 -7.20 -1.91 -8.52
N SER A 40 -8.35 -1.40 -8.95
CA SER A 40 -8.39 -0.30 -9.89
C SER A 40 -7.45 0.82 -9.44
N GLY A 41 -7.54 1.21 -8.18
CA GLY A 41 -6.69 2.26 -7.65
C GLY A 41 -7.42 3.59 -7.53
N PHE A 42 -7.17 4.30 -6.44
CA PHE A 42 -7.81 5.58 -6.20
C PHE A 42 -6.76 6.67 -5.97
N LYS A 43 -6.95 7.81 -6.62
CA LYS A 43 -6.02 8.94 -6.48
C LYS A 43 -6.22 9.64 -5.14
N GLY A 44 -7.48 9.85 -4.76
CA GLY A 44 -7.77 10.52 -3.51
C GLY A 44 -7.73 9.56 -2.33
N PHE A 45 -7.71 10.12 -1.12
CA PHE A 45 -7.67 9.31 0.09
C PHE A 45 -9.08 8.99 0.57
N ASP A 46 -9.36 7.70 0.75
CA ASP A 46 -10.68 7.27 1.21
C ASP A 46 -10.67 7.01 2.71
N THR A 47 -9.85 6.05 3.14
CA THR A 47 -9.75 5.72 4.56
C THR A 47 -9.20 6.88 5.36
N GLY A 1 6.93 12.38 -6.32
CA GLY A 1 8.05 12.34 -5.39
C GLY A 1 9.14 13.31 -5.75
N SER A 2 10.07 13.53 -4.82
CA SER A 2 11.18 14.45 -5.06
C SER A 2 12.30 13.78 -5.84
N SER A 3 12.87 12.73 -5.25
CA SER A 3 13.97 12.00 -5.88
C SER A 3 13.76 10.49 -5.73
N GLY A 4 14.41 9.73 -6.61
CA GLY A 4 14.29 8.28 -6.57
C GLY A 4 14.47 7.65 -7.94
N SER A 5 15.53 6.87 -8.10
CA SER A 5 15.81 6.20 -9.36
C SER A 5 14.80 5.09 -9.62
N SER A 6 14.73 4.13 -8.70
CA SER A 6 13.81 3.02 -8.84
C SER A 6 12.47 3.48 -9.42
N GLY A 7 11.96 4.59 -8.90
CA GLY A 7 10.68 5.11 -9.37
C GLY A 7 9.54 4.83 -8.42
N PRO A 8 8.68 3.88 -8.80
CA PRO A 8 7.52 3.49 -7.98
C PRO A 8 7.92 2.76 -6.71
N GLU A 9 7.50 3.28 -5.56
CA GLU A 9 7.82 2.67 -4.28
C GLU A 9 7.14 1.31 -4.14
N GLY A 10 5.84 1.28 -4.39
CA GLY A 10 5.09 0.04 -4.29
C GLY A 10 4.67 -0.26 -2.87
N SER A 11 5.64 -0.34 -1.97
CA SER A 11 5.36 -0.63 -0.56
C SER A 11 4.44 0.43 0.03
N TRP A 12 3.59 -0.01 0.98
CA TRP A 12 2.66 0.90 1.63
C TRP A 12 2.75 0.79 3.14
N ASP A 13 2.97 1.91 3.81
CA ASP A 13 3.08 1.93 5.26
C ASP A 13 1.71 2.01 5.90
N CYS A 14 1.34 0.96 6.65
CA CYS A 14 0.05 0.91 7.32
C CYS A 14 -0.11 2.09 8.28
N GLU A 15 -1.36 2.50 8.51
CA GLU A 15 -1.64 3.61 9.40
C GLU A 15 -2.37 3.13 10.65
N LEU A 16 -3.01 1.96 10.54
CA LEU A 16 -3.74 1.38 11.66
C LEU A 16 -2.80 1.01 12.80
N CYS A 17 -1.72 0.31 12.46
CA CYS A 17 -0.73 -0.12 13.46
C CYS A 17 0.62 0.51 13.17
N LEU A 18 0.70 1.27 12.08
CA LEU A 18 1.95 1.92 11.70
C LEU A 18 3.03 0.89 11.39
N VAL A 19 2.64 -0.13 10.63
CA VAL A 19 3.58 -1.19 10.24
C VAL A 19 3.67 -1.31 8.73
N GLN A 20 4.89 -1.22 8.21
CA GLN A 20 5.12 -1.33 6.78
C GLN A 20 4.77 -2.72 6.26
N ASN A 21 4.53 -2.82 4.97
CA ASN A 21 4.18 -4.10 4.36
C ASN A 21 4.61 -4.14 2.90
N LYS A 22 4.87 -5.34 2.39
CA LYS A 22 5.29 -5.52 1.01
C LYS A 22 4.22 -5.03 0.04
N ALA A 23 4.62 -4.26 -0.96
CA ALA A 23 3.70 -3.73 -1.94
C ALA A 23 2.74 -4.81 -2.44
N ASP A 24 3.26 -6.02 -2.60
CA ASP A 24 2.45 -7.15 -3.06
C ASP A 24 1.32 -7.43 -2.09
N SER A 25 1.64 -7.45 -0.80
CA SER A 25 0.64 -7.72 0.23
C SER A 25 -0.45 -6.66 0.22
N THR A 26 -1.69 -7.10 0.06
CA THR A 26 -2.84 -6.20 0.02
C THR A 26 -3.29 -5.84 1.43
N LYS A 27 -3.16 -6.80 2.35
CA LYS A 27 -3.56 -6.58 3.74
C LYS A 27 -2.34 -6.51 4.66
N CYS A 28 -2.54 -5.99 5.86
CA CYS A 28 -1.45 -5.87 6.82
C CYS A 28 -1.14 -7.22 7.46
N LEU A 29 -0.05 -7.27 8.23
CA LEU A 29 0.35 -8.50 8.90
C LEU A 29 0.28 -8.35 10.42
N ALA A 30 0.59 -7.14 10.90
CA ALA A 30 0.55 -6.86 12.33
C ALA A 30 -0.87 -6.65 12.82
N CYS A 31 -1.67 -5.95 12.01
CA CYS A 31 -3.06 -5.68 12.36
C CYS A 31 -4.02 -6.44 11.44
N GLU A 32 -3.49 -6.91 10.31
CA GLU A 32 -4.29 -7.65 9.35
C GLU A 32 -5.46 -6.81 8.85
N SER A 33 -5.19 -5.54 8.55
CA SER A 33 -6.23 -4.63 8.07
C SER A 33 -6.13 -4.45 6.56
N ALA A 34 -7.24 -4.05 5.95
CA ALA A 34 -7.29 -3.84 4.51
C ALA A 34 -6.62 -2.53 4.12
N LYS A 35 -5.72 -2.58 3.16
CA LYS A 35 -5.01 -1.39 2.69
C LYS A 35 -5.98 -0.36 2.16
N PRO A 36 -5.74 0.92 2.49
CA PRO A 36 -6.60 2.03 2.05
C PRO A 36 -6.46 2.29 0.55
N GLY A 37 -5.75 1.42 -0.14
CA GLY A 37 -5.56 1.58 -1.57
C GLY A 37 -5.59 0.26 -2.32
N THR A 38 -6.70 0.01 -3.01
CA THR A 38 -6.86 -1.23 -3.76
C THR A 38 -6.25 -1.10 -5.16
N LYS A 39 -6.35 0.08 -5.73
CA LYS A 39 -5.80 0.33 -7.07
C LYS A 39 -5.46 1.81 -7.24
N SER A 40 -4.40 2.08 -8.00
CA SER A 40 -3.98 3.45 -8.25
C SER A 40 -4.42 3.91 -9.63
N GLY A 41 -5.27 4.94 -9.65
CA GLY A 41 -5.77 5.46 -10.90
C GLY A 41 -4.73 5.42 -12.01
N PHE A 42 -3.59 6.08 -11.76
CA PHE A 42 -2.51 6.11 -12.73
C PHE A 42 -1.51 4.98 -12.50
N LYS A 43 -0.66 4.74 -13.47
CA LYS A 43 0.34 3.69 -13.37
C LYS A 43 1.62 4.21 -12.71
N GLY A 44 2.16 5.29 -13.25
CA GLY A 44 3.37 5.88 -12.69
C GLY A 44 3.29 7.39 -12.59
N PHE A 45 3.25 8.05 -13.74
CA PHE A 45 3.18 9.50 -13.78
C PHE A 45 4.45 10.12 -13.21
N ASP A 46 5.60 9.61 -13.64
CA ASP A 46 6.88 10.11 -13.17
C ASP A 46 7.99 9.78 -14.18
N THR A 47 8.97 10.68 -14.27
CA THR A 47 10.08 10.49 -15.20
C THR A 47 10.88 9.23 -14.84
N GLY A 1 20.68 11.37 -4.46
CA GLY A 1 19.24 11.37 -4.70
C GLY A 1 18.76 10.09 -5.34
N SER A 2 17.61 9.59 -4.90
CA SER A 2 17.04 8.37 -5.43
C SER A 2 16.36 8.61 -6.77
N SER A 3 16.66 7.75 -7.74
CA SER A 3 16.09 7.88 -9.08
C SER A 3 14.62 7.47 -9.08
N GLY A 4 13.73 8.46 -9.11
CA GLY A 4 12.30 8.18 -9.11
C GLY A 4 11.75 8.05 -10.51
N SER A 5 12.44 7.30 -11.36
CA SER A 5 12.00 7.10 -12.73
C SER A 5 10.98 5.97 -12.82
N SER A 6 11.38 4.79 -12.36
CA SER A 6 10.49 3.63 -12.40
C SER A 6 9.50 3.67 -11.25
N GLY A 7 10.00 3.90 -10.04
CA GLY A 7 9.14 3.96 -8.87
C GLY A 7 9.91 4.20 -7.59
N PRO A 8 9.87 5.46 -7.11
CA PRO A 8 10.56 5.85 -5.88
C PRO A 8 9.93 5.24 -4.63
N GLU A 9 8.69 4.79 -4.77
CA GLU A 9 7.97 4.19 -3.65
C GLU A 9 7.21 2.95 -4.10
N GLY A 10 7.69 1.77 -3.66
CA GLY A 10 7.04 0.53 -4.03
C GLY A 10 6.50 -0.21 -2.83
N SER A 11 5.85 0.51 -1.92
CA SER A 11 5.29 -0.09 -0.73
C SER A 11 4.21 0.80 -0.12
N TRP A 12 3.39 0.23 0.76
CA TRP A 12 2.32 0.98 1.40
C TRP A 12 2.42 0.86 2.92
N ASP A 13 2.71 1.98 3.58
CA ASP A 13 2.83 2.00 5.03
C ASP A 13 1.46 1.95 5.69
N CYS A 14 1.30 1.05 6.65
CA CYS A 14 0.04 0.90 7.37
C CYS A 14 -0.17 2.05 8.36
N GLU A 15 -1.43 2.29 8.72
CA GLU A 15 -1.75 3.36 9.66
C GLU A 15 -2.36 2.78 10.93
N LEU A 16 -3.02 1.64 10.81
CA LEU A 16 -3.65 0.99 11.95
C LEU A 16 -2.63 0.70 13.04
N CYS A 17 -1.54 0.03 12.69
CA CYS A 17 -0.49 -0.31 13.64
C CYS A 17 0.83 0.35 13.24
N LEU A 18 0.81 1.10 12.15
CA LEU A 18 1.99 1.79 11.66
C LEU A 18 3.08 0.78 11.27
N VAL A 19 2.66 -0.27 10.57
CA VAL A 19 3.59 -1.32 10.13
C VAL A 19 3.64 -1.39 8.61
N GLN A 20 4.81 -1.09 8.05
CA GLN A 20 4.99 -1.12 6.61
C GLN A 20 4.81 -2.54 6.06
N ASN A 21 4.55 -2.63 4.76
CA ASN A 21 4.35 -3.93 4.12
C ASN A 21 4.75 -3.88 2.65
N LYS A 22 5.01 -5.04 2.08
CA LYS A 22 5.41 -5.14 0.68
C LYS A 22 4.21 -4.89 -0.25
N ALA A 23 4.44 -4.07 -1.27
CA ALA A 23 3.39 -3.75 -2.23
C ALA A 23 2.54 -4.98 -2.55
N ASP A 24 3.20 -6.07 -2.93
CA ASP A 24 2.52 -7.31 -3.26
C ASP A 24 1.40 -7.59 -2.27
N SER A 25 1.70 -7.45 -0.98
CA SER A 25 0.72 -7.69 0.06
C SER A 25 -0.47 -6.75 -0.07
N THR A 26 -1.64 -7.20 0.37
CA THR A 26 -2.85 -6.39 0.30
C THR A 26 -3.36 -6.05 1.69
N LYS A 27 -3.11 -6.94 2.65
CA LYS A 27 -3.55 -6.73 4.03
C LYS A 27 -2.35 -6.73 4.98
N CYS A 28 -2.49 -6.02 6.09
CA CYS A 28 -1.44 -5.94 7.08
C CYS A 28 -1.23 -7.28 7.78
N LEU A 29 -0.22 -7.36 8.64
CA LEU A 29 0.08 -8.59 9.36
C LEU A 29 -0.09 -8.39 10.86
N ALA A 30 0.30 -7.21 11.35
CA ALA A 30 0.19 -6.89 12.76
C ALA A 30 -1.26 -6.63 13.15
N CYS A 31 -1.97 -5.89 12.32
CA CYS A 31 -3.37 -5.56 12.59
C CYS A 31 -4.29 -6.31 11.63
N GLU A 32 -3.73 -6.74 10.50
CA GLU A 32 -4.50 -7.46 9.49
C GLU A 32 -5.62 -6.59 8.92
N SER A 33 -5.28 -5.34 8.62
CA SER A 33 -6.25 -4.41 8.07
C SER A 33 -6.16 -4.35 6.55
N ALA A 34 -7.15 -3.72 5.92
CA ALA A 34 -7.17 -3.60 4.46
C ALA A 34 -6.26 -2.48 3.99
N LYS A 35 -5.55 -2.72 2.89
CA LYS A 35 -4.64 -1.73 2.33
C LYS A 35 -5.40 -0.55 1.76
N PRO A 36 -5.01 0.67 2.15
CA PRO A 36 -5.64 1.90 1.68
C PRO A 36 -5.35 2.18 0.21
N GLY A 37 -4.30 1.55 -0.31
CA GLY A 37 -3.94 1.75 -1.70
C GLY A 37 -2.97 2.89 -1.90
N THR A 38 -2.72 3.25 -3.15
CA THR A 38 -1.80 4.34 -3.47
C THR A 38 -2.37 5.68 -3.05
N LYS A 39 -1.49 6.60 -2.64
CA LYS A 39 -1.91 7.93 -2.21
C LYS A 39 -1.31 9.00 -3.12
N SER A 40 -2.11 10.00 -3.45
CA SER A 40 -1.67 11.10 -4.31
C SER A 40 -1.91 12.44 -3.64
N GLY A 41 -1.17 13.46 -4.09
CA GLY A 41 -1.32 14.79 -3.52
C GLY A 41 -0.75 15.87 -4.42
N PHE A 42 -1.15 15.85 -5.69
CA PHE A 42 -0.68 16.82 -6.66
C PHE A 42 -1.32 18.19 -6.40
N LYS A 43 -0.54 19.25 -6.58
CA LYS A 43 -1.02 20.61 -6.37
C LYS A 43 -0.34 21.59 -7.32
N GLY A 44 -1.12 22.50 -7.88
CA GLY A 44 -0.57 23.48 -8.80
C GLY A 44 0.46 24.38 -8.15
N PHE A 45 1.68 24.36 -8.67
CA PHE A 45 2.76 25.18 -8.12
C PHE A 45 2.23 26.52 -7.64
N ASP A 46 1.66 27.28 -8.57
CA ASP A 46 1.11 28.59 -8.25
C ASP A 46 -0.27 28.78 -8.89
N THR A 47 -1.14 29.51 -8.20
CA THR A 47 -2.49 29.76 -8.70
C THR A 47 -2.45 30.58 -9.98
N GLY A 1 14.38 8.20 -8.30
CA GLY A 1 13.14 8.94 -8.29
C GLY A 1 12.95 9.74 -7.00
N SER A 2 12.73 9.03 -5.90
CA SER A 2 12.53 9.67 -4.61
C SER A 2 13.85 9.87 -3.89
N SER A 3 14.12 11.11 -3.47
CA SER A 3 15.36 11.43 -2.77
C SER A 3 15.46 10.65 -1.46
N GLY A 4 14.51 10.89 -0.55
CA GLY A 4 14.51 10.21 0.72
C GLY A 4 14.67 8.71 0.58
N SER A 5 14.73 8.01 1.71
CA SER A 5 14.87 6.56 1.70
C SER A 5 13.51 5.88 1.58
N SER A 6 12.51 6.64 1.17
CA SER A 6 11.16 6.11 1.02
C SER A 6 10.55 6.53 -0.31
N GLY A 7 9.98 5.57 -1.03
CA GLY A 7 9.38 5.86 -2.32
C GLY A 7 7.87 6.03 -2.22
N PRO A 8 7.33 6.97 -2.99
CA PRO A 8 5.89 7.26 -3.01
C PRO A 8 5.09 6.14 -3.67
N GLU A 9 5.80 5.19 -4.28
CA GLU A 9 5.15 4.07 -4.94
C GLU A 9 5.72 2.74 -4.45
N GLY A 10 4.95 1.68 -4.61
CA GLY A 10 5.40 0.35 -4.18
C GLY A 10 4.83 -0.02 -2.83
N SER A 11 5.71 -0.15 -1.83
CA SER A 11 5.29 -0.52 -0.49
C SER A 11 4.28 0.48 0.07
N TRP A 12 3.48 0.04 1.02
CA TRP A 12 2.47 0.90 1.64
C TRP A 12 2.52 0.79 3.16
N ASP A 13 2.94 1.86 3.81
CA ASP A 13 3.03 1.88 5.27
C ASP A 13 1.64 1.91 5.89
N CYS A 14 1.39 0.98 6.81
CA CYS A 14 0.09 0.90 7.48
C CYS A 14 -0.08 2.08 8.44
N GLU A 15 -1.35 2.40 8.74
CA GLU A 15 -1.65 3.50 9.64
C GLU A 15 -2.31 2.98 10.91
N LEU A 16 -2.96 1.84 10.82
CA LEU A 16 -3.63 1.23 11.96
C LEU A 16 -2.63 0.91 13.07
N CYS A 17 -1.55 0.23 12.70
CA CYS A 17 -0.51 -0.14 13.66
C CYS A 17 0.81 0.54 13.33
N LEU A 18 0.82 1.30 12.24
CA LEU A 18 2.02 2.00 11.81
C LEU A 18 3.14 1.03 11.49
N VAL A 19 2.82 -0.01 10.71
CA VAL A 19 3.81 -1.01 10.34
C VAL A 19 3.94 -1.10 8.82
N GLN A 20 5.17 -0.95 8.34
CA GLN A 20 5.45 -1.00 6.91
C GLN A 20 5.00 -2.35 6.32
N ASN A 21 4.64 -2.33 5.04
CA ASN A 21 4.19 -3.54 4.36
C ASN A 21 4.74 -3.60 2.95
N LYS A 22 4.58 -4.76 2.31
CA LYS A 22 5.07 -4.95 0.94
C LYS A 22 3.93 -4.81 -0.06
N ALA A 23 4.24 -4.29 -1.25
CA ALA A 23 3.25 -4.11 -2.29
C ALA A 23 2.50 -5.41 -2.56
N ASP A 24 3.23 -6.52 -2.63
CA ASP A 24 2.64 -7.82 -2.88
C ASP A 24 1.46 -8.07 -1.94
N SER A 25 1.68 -7.82 -0.65
CA SER A 25 0.65 -8.03 0.35
C SER A 25 -0.48 -7.00 0.20
N THR A 26 -1.70 -7.49 0.05
CA THR A 26 -2.86 -6.61 -0.11
C THR A 26 -3.32 -6.05 1.23
N LYS A 27 -3.09 -6.81 2.30
CA LYS A 27 -3.48 -6.39 3.63
C LYS A 27 -2.26 -6.34 4.56
N CYS A 28 -2.47 -5.85 5.78
CA CYS A 28 -1.40 -5.75 6.75
C CYS A 28 -1.04 -7.12 7.33
N LEU A 29 0.03 -7.17 8.10
CA LEU A 29 0.48 -8.42 8.71
C LEU A 29 0.21 -8.42 10.21
N ALA A 30 0.35 -7.25 10.83
CA ALA A 30 0.11 -7.12 12.27
C ALA A 30 -1.37 -7.00 12.58
N CYS A 31 -2.00 -5.95 12.05
CA CYS A 31 -3.42 -5.71 12.27
C CYS A 31 -4.25 -6.34 11.15
N GLU A 32 -3.57 -6.93 10.17
CA GLU A 32 -4.25 -7.57 9.04
C GLU A 32 -5.38 -6.69 8.53
N SER A 33 -5.16 -5.38 8.54
CA SER A 33 -6.16 -4.43 8.08
C SER A 33 -6.08 -4.25 6.56
N ALA A 34 -7.22 -4.00 5.95
CA ALA A 34 -7.29 -3.80 4.50
C ALA A 34 -6.55 -2.53 4.08
N LYS A 35 -5.76 -2.63 3.02
CA LYS A 35 -4.99 -1.50 2.53
C LYS A 35 -5.92 -0.39 2.02
N PRO A 36 -5.60 0.86 2.37
CA PRO A 36 -6.40 2.03 1.95
C PRO A 36 -6.28 2.30 0.46
N GLY A 37 -5.57 1.44 -0.25
CA GLY A 37 -5.38 1.62 -1.67
C GLY A 37 -5.31 3.07 -2.08
N THR A 38 -4.10 3.62 -2.08
CA THR A 38 -3.90 5.02 -2.45
C THR A 38 -2.97 5.14 -3.65
N LYS A 39 -3.49 5.71 -4.73
CA LYS A 39 -2.71 5.88 -5.95
C LYS A 39 -2.57 7.36 -6.30
N SER A 40 -3.63 8.12 -6.03
CA SER A 40 -3.64 9.55 -6.32
C SER A 40 -4.29 10.33 -5.18
N GLY A 41 -3.84 11.57 -4.98
CA GLY A 41 -4.41 12.40 -3.93
C GLY A 41 -4.06 11.89 -2.55
N PHE A 42 -4.48 12.64 -1.52
CA PHE A 42 -4.20 12.26 -0.14
C PHE A 42 -5.27 12.80 0.79
N LYS A 43 -5.20 12.42 2.06
CA LYS A 43 -6.17 12.87 3.06
C LYS A 43 -7.57 12.40 2.71
N GLY A 44 -7.68 11.15 2.27
CA GLY A 44 -8.97 10.59 1.92
C GLY A 44 -9.86 11.60 1.23
N PHE A 45 -9.35 12.23 0.17
CA PHE A 45 -10.11 13.23 -0.57
C PHE A 45 -11.21 12.57 -1.40
N ASP A 46 -10.86 11.47 -2.06
CA ASP A 46 -11.81 10.74 -2.88
C ASP A 46 -12.73 9.86 -2.02
N THR A 47 -12.12 9.14 -1.08
CA THR A 47 -12.87 8.26 -0.19
C THR A 47 -13.46 9.04 0.98
N GLY A 1 -8.30 17.55 -4.54
CA GLY A 1 -8.37 16.16 -4.95
C GLY A 1 -7.18 15.35 -4.45
N SER A 2 -7.09 14.10 -4.90
CA SER A 2 -6.01 13.22 -4.49
C SER A 2 -5.13 12.85 -5.70
N SER A 3 -5.76 12.65 -6.84
CA SER A 3 -5.05 12.28 -8.06
C SER A 3 -3.96 13.31 -8.37
N GLY A 4 -2.71 12.88 -8.27
CA GLY A 4 -1.59 13.76 -8.54
C GLY A 4 -0.32 13.34 -7.82
N SER A 5 -0.16 13.81 -6.59
CA SER A 5 1.02 13.48 -5.80
C SER A 5 1.06 12.00 -5.47
N SER A 6 2.00 11.28 -6.09
CA SER A 6 2.15 9.85 -5.87
C SER A 6 2.80 9.57 -4.52
N GLY A 7 3.91 10.24 -4.25
CA GLY A 7 4.62 10.05 -3.00
C GLY A 7 5.29 8.69 -2.91
N PRO A 8 4.85 7.88 -1.94
CA PRO A 8 5.40 6.54 -1.73
C PRO A 8 5.03 5.57 -2.86
N GLU A 9 5.95 4.69 -3.20
CA GLU A 9 5.73 3.71 -4.26
C GLU A 9 6.12 2.30 -3.80
N GLY A 10 5.21 1.36 -4.00
CA GLY A 10 5.47 -0.02 -3.60
C GLY A 10 4.89 -0.35 -2.24
N SER A 11 5.75 -0.49 -1.25
CA SER A 11 5.32 -0.82 0.12
C SER A 11 4.42 0.28 0.67
N TRP A 12 3.28 -0.12 1.22
CA TRP A 12 2.34 0.84 1.80
C TRP A 12 2.40 0.81 3.32
N ASP A 13 2.77 1.95 3.90
CA ASP A 13 2.87 2.06 5.35
C ASP A 13 1.50 1.99 6.00
N CYS A 14 1.28 0.95 6.80
CA CYS A 14 0.00 0.77 7.48
C CYS A 14 -0.24 1.87 8.49
N GLU A 15 -1.21 2.74 8.19
CA GLU A 15 -1.54 3.85 9.07
C GLU A 15 -2.37 3.37 10.26
N LEU A 16 -2.52 2.05 10.37
CA LEU A 16 -3.29 1.46 11.46
C LEU A 16 -2.40 1.12 12.64
N CYS A 17 -1.38 0.31 12.39
CA CYS A 17 -0.44 -0.10 13.44
C CYS A 17 0.96 0.44 13.16
N LEU A 18 1.06 1.32 12.16
CA LEU A 18 2.34 1.90 11.79
C LEU A 18 3.37 0.82 11.47
N VAL A 19 2.96 -0.14 10.64
CA VAL A 19 3.85 -1.23 10.25
C VAL A 19 3.92 -1.36 8.73
N GLN A 20 5.11 -1.12 8.18
CA GLN A 20 5.31 -1.21 6.74
C GLN A 20 4.88 -2.57 6.21
N ASN A 21 4.46 -2.62 4.95
CA ASN A 21 4.03 -3.87 4.33
C ASN A 21 4.49 -3.94 2.88
N LYS A 22 4.81 -5.15 2.43
CA LYS A 22 5.26 -5.37 1.06
C LYS A 22 4.19 -4.92 0.07
N ALA A 23 4.62 -4.15 -0.95
CA ALA A 23 3.70 -3.67 -1.97
C ALA A 23 2.77 -4.79 -2.44
N ASP A 24 3.35 -5.90 -2.87
CA ASP A 24 2.58 -7.04 -3.35
C ASP A 24 1.45 -7.37 -2.37
N SER A 25 1.76 -7.32 -1.08
CA SER A 25 0.78 -7.63 -0.05
C SER A 25 -0.35 -6.60 -0.05
N THR A 26 -1.58 -7.09 0.05
CA THR A 26 -2.76 -6.22 0.05
C THR A 26 -3.22 -5.93 1.48
N LYS A 27 -3.10 -6.93 2.34
CA LYS A 27 -3.50 -6.79 3.73
C LYS A 27 -2.29 -6.68 4.65
N CYS A 28 -2.51 -6.21 5.87
CA CYS A 28 -1.43 -6.05 6.84
C CYS A 28 -1.13 -7.38 7.54
N LEU A 29 -0.02 -7.41 8.25
CA LEU A 29 0.38 -8.61 8.98
C LEU A 29 0.25 -8.42 10.48
N ALA A 30 0.42 -7.19 10.94
CA ALA A 30 0.31 -6.87 12.35
C ALA A 30 -1.14 -6.82 12.79
N CYS A 31 -1.91 -5.90 12.22
CA CYS A 31 -3.32 -5.76 12.56
C CYS A 31 -4.20 -6.52 11.57
N GLU A 32 -3.62 -6.87 10.42
CA GLU A 32 -4.35 -7.59 9.39
C GLU A 32 -5.52 -6.77 8.87
N SER A 33 -5.27 -5.48 8.65
CA SER A 33 -6.31 -4.58 8.15
C SER A 33 -6.34 -4.58 6.62
N ALA A 34 -7.27 -3.83 6.06
CA ALA A 34 -7.41 -3.74 4.60
C ALA A 34 -6.74 -2.48 4.07
N LYS A 35 -5.97 -2.64 2.99
CA LYS A 35 -5.26 -1.53 2.38
C LYS A 35 -6.26 -0.51 1.81
N PRO A 36 -6.09 0.76 2.20
CA PRO A 36 -6.96 1.85 1.75
C PRO A 36 -6.75 2.17 0.28
N GLY A 37 -5.61 1.75 -0.26
CA GLY A 37 -5.31 2.00 -1.66
C GLY A 37 -6.53 1.86 -2.56
N THR A 38 -7.13 0.67 -2.55
CA THR A 38 -8.31 0.41 -3.37
C THR A 38 -9.20 1.64 -3.46
N LYS A 39 -9.26 2.40 -2.37
CA LYS A 39 -10.08 3.62 -2.33
C LYS A 39 -9.93 4.42 -3.62
N SER A 40 -8.69 4.77 -3.94
CA SER A 40 -8.41 5.55 -5.14
C SER A 40 -7.51 4.76 -6.11
N GLY A 41 -7.96 4.64 -7.35
CA GLY A 41 -7.19 3.91 -8.34
C GLY A 41 -7.97 2.77 -8.95
N PHE A 42 -7.97 1.63 -8.28
CA PHE A 42 -8.69 0.45 -8.77
C PHE A 42 -9.97 0.86 -9.49
N LYS A 43 -10.76 1.71 -8.85
CA LYS A 43 -12.01 2.19 -9.43
C LYS A 43 -11.81 3.48 -10.20
N GLY A 44 -11.20 4.46 -9.55
CA GLY A 44 -10.96 5.74 -10.19
C GLY A 44 -12.23 6.52 -10.46
N PHE A 45 -12.71 6.45 -11.70
CA PHE A 45 -13.93 7.16 -12.09
C PHE A 45 -15.16 6.39 -11.63
N ASP A 46 -16.00 7.03 -10.83
CA ASP A 46 -17.22 6.42 -10.33
C ASP A 46 -18.29 6.38 -11.40
N THR A 47 -19.08 5.30 -11.42
CA THR A 47 -20.14 5.14 -12.40
C THR A 47 -21.31 6.09 -12.10
N GLY A 1 23.21 -13.45 -9.75
CA GLY A 1 22.65 -12.12 -9.74
C GLY A 1 22.20 -11.68 -8.37
N SER A 2 23.12 -11.11 -7.59
CA SER A 2 22.82 -10.65 -6.24
C SER A 2 21.51 -9.88 -6.21
N SER A 3 21.33 -9.00 -7.19
CA SER A 3 20.12 -8.18 -7.26
C SER A 3 19.38 -8.45 -8.57
N GLY A 4 18.08 -8.76 -8.46
CA GLY A 4 17.28 -9.03 -9.63
C GLY A 4 15.94 -9.67 -9.28
N SER A 5 14.89 -8.86 -9.29
CA SER A 5 13.55 -9.34 -8.96
C SER A 5 12.51 -8.70 -9.88
N SER A 6 11.68 -9.53 -10.48
CA SER A 6 10.63 -9.04 -11.38
C SER A 6 9.57 -8.28 -10.61
N GLY A 7 9.12 -8.86 -9.50
CA GLY A 7 8.10 -8.22 -8.68
C GLY A 7 8.25 -6.70 -8.66
N PRO A 8 7.10 -5.99 -8.62
CA PRO A 8 7.08 -4.53 -8.60
C PRO A 8 7.60 -3.96 -7.28
N GLU A 9 8.43 -2.93 -7.37
CA GLU A 9 9.00 -2.30 -6.18
C GLU A 9 8.01 -1.31 -5.58
N GLY A 10 7.56 -1.58 -4.36
CA GLY A 10 6.63 -0.71 -3.69
C GLY A 10 6.26 -1.20 -2.30
N SER A 11 5.92 -0.27 -1.41
CA SER A 11 5.56 -0.61 -0.03
C SER A 11 4.60 0.41 0.54
N TRP A 12 3.53 -0.06 1.16
CA TRP A 12 2.54 0.81 1.76
C TRP A 12 2.63 0.79 3.29
N ASP A 13 2.88 1.94 3.88
CA ASP A 13 2.99 2.05 5.34
C ASP A 13 1.61 2.10 5.98
N CYS A 14 1.23 1.00 6.63
CA CYS A 14 -0.07 0.92 7.30
C CYS A 14 -0.25 2.07 8.28
N GLU A 15 -1.50 2.36 8.63
CA GLU A 15 -1.81 3.44 9.56
C GLU A 15 -2.39 2.88 10.86
N LEU A 16 -3.14 1.79 10.75
CA LEU A 16 -3.74 1.15 11.91
C LEU A 16 -2.70 0.85 12.98
N CYS A 17 -1.70 0.05 12.61
CA CYS A 17 -0.63 -0.32 13.53
C CYS A 17 0.67 0.38 13.17
N LEU A 18 0.64 1.14 12.06
CA LEU A 18 1.82 1.87 11.61
C LEU A 18 2.95 0.91 11.27
N VAL A 19 2.63 -0.14 10.53
CA VAL A 19 3.63 -1.13 10.13
C VAL A 19 3.76 -1.19 8.61
N GLN A 20 5.00 -1.08 8.14
CA GLN A 20 5.27 -1.13 6.71
C GLN A 20 4.94 -2.50 6.13
N ASN A 21 4.66 -2.54 4.83
CA ASN A 21 4.34 -3.79 4.15
C ASN A 21 4.74 -3.73 2.69
N LYS A 22 4.63 -4.87 2.00
CA LYS A 22 4.98 -4.96 0.59
C LYS A 22 3.78 -4.62 -0.28
N ALA A 23 4.02 -3.88 -1.36
CA ALA A 23 2.96 -3.49 -2.29
C ALA A 23 2.03 -4.66 -2.57
N ASP A 24 2.61 -5.83 -2.79
CA ASP A 24 1.82 -7.04 -3.08
C ASP A 24 0.86 -7.33 -1.93
N SER A 25 1.37 -7.29 -0.70
CA SER A 25 0.55 -7.56 0.47
C SER A 25 -0.71 -6.70 0.46
N THR A 26 -1.84 -7.34 0.18
CA THR A 26 -3.12 -6.64 0.14
C THR A 26 -3.63 -6.32 1.55
N LYS A 27 -3.17 -7.09 2.52
CA LYS A 27 -3.56 -6.90 3.91
C LYS A 27 -2.34 -6.80 4.82
N CYS A 28 -2.51 -6.15 5.97
CA CYS A 28 -1.43 -5.99 6.92
C CYS A 28 -1.11 -7.31 7.62
N LEU A 29 -0.07 -7.30 8.45
CA LEU A 29 0.33 -8.50 9.18
C LEU A 29 0.18 -8.30 10.69
N ALA A 30 0.47 -7.08 11.15
CA ALA A 30 0.36 -6.75 12.56
C ALA A 30 -1.10 -6.53 12.97
N CYS A 31 -1.83 -5.80 12.13
CA CYS A 31 -3.24 -5.51 12.40
C CYS A 31 -4.14 -6.24 11.41
N GLU A 32 -3.54 -6.74 10.32
CA GLU A 32 -4.29 -7.44 9.30
C GLU A 32 -5.38 -6.55 8.69
N SER A 33 -5.03 -5.29 8.48
CA SER A 33 -5.98 -4.33 7.91
C SER A 33 -5.91 -4.33 6.39
N ALA A 34 -6.96 -3.81 5.77
CA ALA A 34 -7.03 -3.76 4.31
C ALA A 34 -6.09 -2.69 3.75
N LYS A 35 -5.37 -3.02 2.69
CA LYS A 35 -4.43 -2.09 2.07
C LYS A 35 -5.17 -0.83 1.61
N PRO A 36 -4.80 0.31 2.21
CA PRO A 36 -5.41 1.61 1.87
C PRO A 36 -5.00 2.09 0.49
N GLY A 37 -4.22 1.27 -0.21
CA GLY A 37 -3.77 1.64 -1.55
C GLY A 37 -4.82 1.37 -2.61
N THR A 38 -4.65 0.24 -3.30
CA THR A 38 -5.59 -0.14 -4.36
C THR A 38 -6.41 -1.37 -3.95
N LYS A 39 -7.71 -1.18 -3.81
CA LYS A 39 -8.60 -2.27 -3.43
C LYS A 39 -8.76 -3.27 -4.58
N SER A 40 -9.19 -2.79 -5.73
CA SER A 40 -9.37 -3.64 -6.90
C SER A 40 -8.04 -4.10 -7.46
N GLY A 41 -8.08 -5.05 -8.38
CA GLY A 41 -6.86 -5.56 -8.99
C GLY A 41 -6.38 -6.84 -8.35
N PHE A 42 -7.24 -7.84 -8.30
CA PHE A 42 -6.90 -9.13 -7.70
C PHE A 42 -5.55 -9.63 -8.22
N LYS A 43 -5.38 -9.57 -9.54
CA LYS A 43 -4.14 -10.03 -10.17
C LYS A 43 -3.60 -8.96 -11.12
N GLY A 44 -2.29 -8.73 -11.05
CA GLY A 44 -1.67 -7.74 -11.92
C GLY A 44 -0.76 -8.36 -12.95
N PHE A 45 -1.00 -8.03 -14.22
CA PHE A 45 -0.20 -8.58 -15.31
C PHE A 45 0.63 -7.47 -15.96
N ASP A 46 1.95 -7.55 -15.77
CA ASP A 46 2.86 -6.56 -16.33
C ASP A 46 4.16 -7.21 -16.79
N THR A 47 4.57 -6.93 -18.02
CA THR A 47 5.80 -7.50 -18.58
C THR A 47 7.02 -6.88 -17.92
N GLY A 1 22.47 8.49 -5.23
CA GLY A 1 21.09 8.20 -5.58
C GLY A 1 20.72 6.75 -5.37
N SER A 2 21.17 6.19 -4.25
CA SER A 2 20.89 4.79 -3.93
C SER A 2 19.48 4.41 -4.35
N SER A 3 18.51 5.22 -3.93
CA SER A 3 17.11 4.96 -4.25
C SER A 3 16.85 5.15 -5.74
N GLY A 4 15.86 4.43 -6.26
CA GLY A 4 15.55 4.53 -7.67
C GLY A 4 15.10 5.93 -8.06
N SER A 5 14.54 6.05 -9.26
CA SER A 5 14.08 7.35 -9.75
C SER A 5 12.90 7.86 -8.93
N SER A 6 12.86 9.17 -8.73
CA SER A 6 11.78 9.78 -7.95
C SER A 6 10.42 9.46 -8.56
N GLY A 7 9.40 9.49 -7.72
CA GLY A 7 8.04 9.20 -8.18
C GLY A 7 7.25 8.40 -7.18
N PRO A 8 6.42 7.46 -7.68
CA PRO A 8 5.57 6.62 -6.84
C PRO A 8 6.39 5.60 -6.04
N GLU A 9 5.75 4.98 -5.05
CA GLU A 9 6.42 4.00 -4.21
C GLU A 9 5.64 2.67 -4.20
N GLY A 10 6.37 1.56 -4.21
CA GLY A 10 5.73 0.26 -4.20
C GLY A 10 5.21 -0.12 -2.83
N SER A 11 6.11 -0.21 -1.86
CA SER A 11 5.74 -0.57 -0.50
C SER A 11 4.70 0.40 0.06
N TRP A 12 3.76 -0.14 0.84
CA TRP A 12 2.71 0.70 1.43
C TRP A 12 2.62 0.45 2.93
N ASP A 13 2.86 1.50 3.70
CA ASP A 13 2.80 1.41 5.16
C ASP A 13 1.36 1.35 5.65
N CYS A 14 1.17 0.79 6.84
CA CYS A 14 -0.16 0.66 7.42
C CYS A 14 -0.57 1.94 8.14
N GLU A 15 -1.86 2.10 8.39
CA GLU A 15 -2.38 3.28 9.07
C GLU A 15 -2.92 2.91 10.45
N LEU A 16 -3.26 1.63 10.62
CA LEU A 16 -3.78 1.16 11.90
C LEU A 16 -2.67 0.97 12.93
N CYS A 17 -1.67 0.18 12.57
CA CYS A 17 -0.54 -0.07 13.45
C CYS A 17 0.69 0.70 13.00
N LEU A 18 0.59 1.35 11.84
CA LEU A 18 1.69 2.13 11.29
C LEU A 18 2.90 1.23 11.01
N VAL A 19 2.62 -0.02 10.65
CA VAL A 19 3.68 -0.97 10.34
C VAL A 19 3.82 -1.17 8.84
N GLN A 20 5.05 -1.09 8.35
CA GLN A 20 5.33 -1.26 6.93
C GLN A 20 4.80 -2.60 6.43
N ASN A 21 4.51 -2.68 5.13
CA ASN A 21 4.00 -3.91 4.53
C ASN A 21 4.52 -4.07 3.12
N LYS A 22 4.58 -5.32 2.65
CA LYS A 22 5.06 -5.62 1.31
C LYS A 22 4.09 -5.10 0.26
N ALA A 23 4.64 -4.51 -0.80
CA ALA A 23 3.83 -3.97 -1.88
C ALA A 23 2.84 -5.01 -2.41
N ASP A 24 3.38 -6.12 -2.92
CA ASP A 24 2.56 -7.19 -3.45
C ASP A 24 1.36 -7.45 -2.55
N SER A 25 1.61 -7.57 -1.26
CA SER A 25 0.55 -7.82 -0.28
C SER A 25 -0.49 -6.70 -0.31
N THR A 26 -1.73 -7.05 0.03
CA THR A 26 -2.81 -6.08 0.05
C THR A 26 -3.23 -5.73 1.48
N LYS A 27 -3.17 -6.72 2.36
CA LYS A 27 -3.52 -6.52 3.75
C LYS A 27 -2.28 -6.39 4.62
N CYS A 28 -2.48 -6.04 5.90
CA CYS A 28 -1.38 -5.88 6.83
C CYS A 28 -0.97 -7.22 7.43
N LEU A 29 0.17 -7.23 8.12
CA LEU A 29 0.67 -8.46 8.75
C LEU A 29 0.53 -8.38 10.26
N ALA A 30 0.67 -7.17 10.80
CA ALA A 30 0.56 -6.97 12.24
C ALA A 30 -0.90 -6.97 12.69
N CYS A 31 -1.66 -5.98 12.23
CA CYS A 31 -3.07 -5.87 12.57
C CYS A 31 -3.95 -6.57 11.55
N GLU A 32 -3.38 -6.83 10.37
CA GLU A 32 -4.10 -7.50 9.30
C GLU A 32 -5.30 -6.65 8.85
N SER A 33 -5.10 -5.34 8.79
CA SER A 33 -6.15 -4.43 8.37
C SER A 33 -6.15 -4.25 6.85
N ALA A 34 -7.21 -3.63 6.34
CA ALA A 34 -7.34 -3.40 4.91
C ALA A 34 -6.56 -2.16 4.48
N LYS A 35 -5.82 -2.27 3.38
CA LYS A 35 -5.04 -1.16 2.86
C LYS A 35 -5.94 -0.09 2.27
N PRO A 36 -5.59 1.19 2.51
CA PRO A 36 -6.35 2.33 2.00
C PRO A 36 -6.23 2.48 0.49
N GLY A 37 -5.65 1.47 -0.16
CA GLY A 37 -5.50 1.51 -1.60
C GLY A 37 -6.71 0.99 -2.33
N THR A 38 -7.21 -0.18 -1.91
CA THR A 38 -8.38 -0.78 -2.54
C THR A 38 -9.62 0.08 -2.32
N LYS A 39 -10.33 0.39 -3.41
CA LYS A 39 -11.53 1.19 -3.33
C LYS A 39 -12.77 0.31 -3.25
N SER A 40 -12.81 -0.73 -4.09
CA SER A 40 -13.95 -1.66 -4.10
C SER A 40 -13.56 -3.01 -3.52
N GLY A 41 -14.33 -3.47 -2.54
CA GLY A 41 -14.05 -4.75 -1.92
C GLY A 41 -14.53 -5.92 -2.75
N PHE A 42 -15.81 -6.26 -2.61
CA PHE A 42 -16.39 -7.37 -3.36
C PHE A 42 -17.33 -6.87 -4.46
N LYS A 43 -18.06 -5.79 -4.16
CA LYS A 43 -18.99 -5.20 -5.12
C LYS A 43 -18.23 -4.52 -6.26
N GLY A 44 -18.61 -4.87 -7.49
CA GLY A 44 -17.96 -4.28 -8.65
C GLY A 44 -18.74 -3.11 -9.22
N PHE A 45 -19.23 -2.24 -8.34
CA PHE A 45 -19.99 -1.07 -8.77
C PHE A 45 -19.09 0.15 -8.94
N ASP A 46 -18.95 0.61 -10.18
CA ASP A 46 -18.12 1.76 -10.48
C ASP A 46 -16.66 1.49 -10.11
N THR A 47 -16.18 0.29 -10.43
CA THR A 47 -14.81 -0.09 -10.13
C THR A 47 -13.82 0.74 -10.94
N GLY A 1 14.89 12.63 -4.47
CA GLY A 1 13.78 13.46 -4.90
C GLY A 1 13.69 13.56 -6.41
N SER A 2 13.63 12.41 -7.08
CA SER A 2 13.55 12.37 -8.53
C SER A 2 12.12 12.11 -8.97
N SER A 3 11.91 12.13 -10.29
CA SER A 3 10.58 11.91 -10.85
C SER A 3 10.31 10.42 -11.05
N GLY A 4 9.05 10.02 -10.92
CA GLY A 4 8.69 8.63 -11.08
C GLY A 4 7.20 8.44 -11.31
N SER A 5 6.74 7.20 -11.15
CA SER A 5 5.33 6.89 -11.34
C SER A 5 4.83 5.94 -10.26
N SER A 6 3.51 5.88 -10.09
CA SER A 6 2.91 5.01 -9.08
C SER A 6 2.55 3.65 -9.68
N GLY A 7 2.47 2.63 -8.83
CA GLY A 7 2.14 1.31 -9.29
C GLY A 7 3.03 0.24 -8.68
N PRO A 8 3.91 -0.35 -9.51
CA PRO A 8 4.84 -1.39 -9.08
C PRO A 8 5.93 -0.85 -8.16
N GLU A 9 6.50 -1.73 -7.33
CA GLU A 9 7.55 -1.33 -6.41
C GLU A 9 7.11 -0.15 -5.55
N GLY A 10 5.87 -0.21 -5.07
CA GLY A 10 5.34 0.87 -4.25
C GLY A 10 4.71 0.37 -2.97
N SER A 11 5.54 0.06 -1.98
CA SER A 11 5.06 -0.44 -0.70
C SER A 11 4.08 0.54 -0.06
N TRP A 12 3.38 0.09 0.97
CA TRP A 12 2.42 0.93 1.67
C TRP A 12 2.56 0.78 3.18
N ASP A 13 2.88 1.87 3.86
CA ASP A 13 3.05 1.85 5.31
C ASP A 13 1.69 1.95 6.01
N CYS A 14 1.32 0.90 6.73
CA CYS A 14 0.05 0.88 7.44
C CYS A 14 -0.04 2.04 8.44
N GLU A 15 -1.27 2.46 8.73
CA GLU A 15 -1.49 3.56 9.67
C GLU A 15 -2.14 3.06 10.95
N LEU A 16 -2.97 2.03 10.83
CA LEU A 16 -3.65 1.45 11.98
C LEU A 16 -2.65 1.04 13.05
N CYS A 17 -1.65 0.26 12.65
CA CYS A 17 -0.61 -0.21 13.58
C CYS A 17 0.72 0.46 13.28
N LEU A 18 0.76 1.26 12.23
CA LEU A 18 1.98 1.96 11.83
C LEU A 18 3.09 0.96 11.49
N VAL A 19 2.72 -0.08 10.76
CA VAL A 19 3.69 -1.10 10.35
C VAL A 19 3.78 -1.21 8.84
N GLN A 20 5.00 -1.19 8.32
CA GLN A 20 5.21 -1.27 6.88
C GLN A 20 4.78 -2.64 6.35
N ASN A 21 4.54 -2.71 5.04
CA ASN A 21 4.12 -3.95 4.41
C ASN A 21 4.51 -3.97 2.94
N LYS A 22 4.79 -5.17 2.41
CA LYS A 22 5.18 -5.32 1.02
C LYS A 22 4.04 -4.89 0.09
N ALA A 23 4.39 -4.14 -0.95
CA ALA A 23 3.40 -3.66 -1.91
C ALA A 23 2.48 -4.79 -2.36
N ASP A 24 3.07 -5.93 -2.66
CA ASP A 24 2.29 -7.10 -3.10
C ASP A 24 1.21 -7.44 -2.08
N SER A 25 1.58 -7.44 -0.80
CA SER A 25 0.65 -7.75 0.26
C SER A 25 -0.58 -6.85 0.20
N THR A 26 -1.76 -7.46 0.06
CA THR A 26 -3.00 -6.71 -0.02
C THR A 26 -3.43 -6.22 1.36
N LYS A 27 -3.28 -7.08 2.36
CA LYS A 27 -3.65 -6.74 3.73
C LYS A 27 -2.41 -6.61 4.61
N CYS A 28 -2.59 -6.00 5.78
CA CYS A 28 -1.49 -5.81 6.72
C CYS A 28 -1.09 -7.13 7.36
N LEU A 29 0.02 -7.12 8.09
CA LEU A 29 0.52 -8.32 8.75
C LEU A 29 0.37 -8.20 10.27
N ALA A 30 0.50 -6.99 10.77
CA ALA A 30 0.38 -6.74 12.21
C ALA A 30 -1.08 -6.74 12.64
N CYS A 31 -1.86 -5.80 12.08
CA CYS A 31 -3.28 -5.69 12.41
C CYS A 31 -4.13 -6.44 11.39
N GLU A 32 -3.54 -6.75 10.24
CA GLU A 32 -4.25 -7.46 9.19
C GLU A 32 -5.41 -6.64 8.66
N SER A 33 -5.21 -5.33 8.55
CA SER A 33 -6.24 -4.43 8.07
C SER A 33 -6.15 -4.26 6.56
N ALA A 34 -7.29 -3.99 5.93
CA ALA A 34 -7.34 -3.80 4.48
C ALA A 34 -6.46 -2.64 4.05
N LYS A 35 -5.65 -2.86 3.02
CA LYS A 35 -4.75 -1.84 2.50
C LYS A 35 -5.54 -0.71 1.83
N PRO A 36 -5.14 0.54 2.11
CA PRO A 36 -5.80 1.72 1.54
C PRO A 36 -5.55 1.86 0.05
N GLY A 37 -6.51 2.44 -0.66
CA GLY A 37 -6.36 2.63 -2.09
C GLY A 37 -7.42 3.53 -2.68
N THR A 38 -8.47 2.93 -3.24
CA THR A 38 -9.56 3.70 -3.83
C THR A 38 -9.98 4.86 -2.93
N LYS A 39 -10.08 4.58 -1.63
CA LYS A 39 -10.47 5.60 -0.66
C LYS A 39 -9.24 6.23 -0.02
N SER A 40 -9.11 7.55 -0.16
CA SER A 40 -7.99 8.27 0.41
C SER A 40 -8.09 8.33 1.93
N GLY A 41 -7.15 7.66 2.61
CA GLY A 41 -7.16 7.64 4.05
C GLY A 41 -6.86 9.01 4.65
N PHE A 42 -5.80 9.64 4.17
CA PHE A 42 -5.41 10.97 4.66
C PHE A 42 -6.64 11.83 4.91
N LYS A 43 -7.54 11.88 3.93
CA LYS A 43 -8.76 12.67 4.05
C LYS A 43 -9.60 12.21 5.24
N GLY A 44 -9.88 10.92 5.30
CA GLY A 44 -10.68 10.38 6.39
C GLY A 44 -12.08 9.98 5.95
N PHE A 45 -12.50 8.79 6.34
CA PHE A 45 -13.82 8.29 5.99
C PHE A 45 -14.90 8.95 6.85
N ASP A 46 -15.70 9.81 6.23
CA ASP A 46 -16.77 10.51 6.93
C ASP A 46 -17.98 10.69 6.03
N THR A 47 -19.09 11.16 6.61
CA THR A 47 -20.31 11.38 5.87
C THR A 47 -20.14 12.50 4.85
N GLY A 1 12.15 13.66 -5.22
CA GLY A 1 13.15 13.56 -4.17
C GLY A 1 14.53 13.26 -4.72
N SER A 2 15.44 12.84 -3.85
CA SER A 2 16.80 12.52 -4.25
C SER A 2 16.83 11.20 -5.02
N SER A 3 18.03 10.82 -5.48
CA SER A 3 18.20 9.59 -6.24
C SER A 3 18.09 8.37 -5.31
N GLY A 4 18.49 8.55 -4.06
CA GLY A 4 18.42 7.46 -3.11
C GLY A 4 17.00 7.08 -2.75
N SER A 5 16.15 8.09 -2.56
CA SER A 5 14.76 7.86 -2.21
C SER A 5 13.90 7.67 -3.46
N SER A 6 14.57 7.45 -4.59
CA SER A 6 13.87 7.26 -5.86
C SER A 6 13.73 5.78 -6.19
N GLY A 7 14.77 5.01 -5.88
CA GLY A 7 14.75 3.59 -6.15
C GLY A 7 13.37 2.98 -5.96
N PRO A 8 13.04 2.00 -6.80
CA PRO A 8 11.74 1.32 -6.74
C PRO A 8 11.60 0.45 -5.50
N GLU A 9 10.92 0.97 -4.49
CA GLU A 9 10.71 0.24 -3.24
C GLU A 9 9.34 -0.43 -3.23
N GLY A 10 8.32 0.30 -3.68
CA GLY A 10 6.98 -0.25 -3.71
C GLY A 10 6.56 -0.83 -2.38
N SER A 11 6.05 0.04 -1.49
CA SER A 11 5.61 -0.39 -0.17
C SER A 11 4.61 0.60 0.42
N TRP A 12 3.53 0.07 0.99
CA TRP A 12 2.51 0.92 1.59
C TRP A 12 2.55 0.82 3.11
N ASP A 13 2.97 1.90 3.76
CA ASP A 13 3.05 1.94 5.21
C ASP A 13 1.67 2.00 5.84
N CYS A 14 1.33 0.99 6.64
CA CYS A 14 0.04 0.93 7.30
C CYS A 14 -0.16 2.12 8.24
N GLU A 15 -1.41 2.42 8.54
CA GLU A 15 -1.74 3.54 9.43
C GLU A 15 -2.37 3.04 10.72
N LEU A 16 -3.03 1.89 10.64
CA LEU A 16 -3.70 1.31 11.81
C LEU A 16 -2.69 0.99 12.91
N CYS A 17 -1.63 0.25 12.55
CA CYS A 17 -0.60 -0.11 13.50
C CYS A 17 0.74 0.53 13.13
N LEU A 18 0.74 1.28 12.03
CA LEU A 18 1.95 1.96 11.57
C LEU A 18 3.05 0.94 11.23
N VAL A 19 2.66 -0.15 10.58
CA VAL A 19 3.61 -1.19 10.20
C VAL A 19 3.74 -1.29 8.68
N GLN A 20 4.96 -1.17 8.20
CA GLN A 20 5.23 -1.24 6.77
C GLN A 20 4.70 -2.55 6.18
N ASN A 21 4.52 -2.57 4.86
CA ASN A 21 4.03 -3.77 4.18
C ASN A 21 4.55 -3.83 2.76
N LYS A 22 4.76 -5.06 2.26
CA LYS A 22 5.25 -5.26 0.91
C LYS A 22 4.23 -4.78 -0.13
N ALA A 23 4.69 -4.56 -1.35
CA ALA A 23 3.82 -4.10 -2.42
C ALA A 23 2.81 -5.18 -2.81
N ASP A 24 3.31 -6.41 -2.99
CA ASP A 24 2.45 -7.53 -3.36
C ASP A 24 1.34 -7.73 -2.33
N SER A 25 1.69 -7.59 -1.06
CA SER A 25 0.72 -7.75 0.02
C SER A 25 -0.39 -6.72 -0.08
N THR A 26 -1.63 -7.17 0.08
CA THR A 26 -2.79 -6.29 0.01
C THR A 26 -3.26 -5.88 1.39
N LYS A 27 -3.10 -6.77 2.35
CA LYS A 27 -3.50 -6.50 3.74
C LYS A 27 -2.28 -6.43 4.65
N CYS A 28 -2.50 -5.97 5.89
CA CYS A 28 -1.43 -5.85 6.86
C CYS A 28 -1.10 -7.20 7.49
N LEU A 29 -0.05 -7.23 8.30
CA LEU A 29 0.36 -8.46 8.96
C LEU A 29 0.13 -8.37 10.47
N ALA A 30 0.37 -7.18 11.03
CA ALA A 30 0.18 -6.96 12.45
C ALA A 30 -1.30 -6.77 12.79
N CYS A 31 -1.93 -5.83 12.09
CA CYS A 31 -3.35 -5.55 12.32
C CYS A 31 -4.21 -6.21 11.27
N GLU A 32 -3.57 -6.92 10.34
CA GLU A 32 -4.28 -7.61 9.27
C GLU A 32 -5.44 -6.75 8.75
N SER A 33 -5.26 -5.43 8.79
CA SER A 33 -6.28 -4.50 8.33
C SER A 33 -6.19 -4.30 6.82
N ALA A 34 -7.34 -4.08 6.19
CA ALA A 34 -7.39 -3.86 4.75
C ALA A 34 -6.59 -2.62 4.36
N LYS A 35 -5.79 -2.75 3.30
CA LYS A 35 -4.97 -1.64 2.82
C LYS A 35 -5.84 -0.53 2.25
N PRO A 36 -5.61 0.71 2.72
CA PRO A 36 -6.37 1.87 2.27
C PRO A 36 -6.05 2.26 0.84
N GLY A 37 -4.79 2.07 0.44
CA GLY A 37 -4.37 2.40 -0.90
C GLY A 37 -4.29 3.90 -1.14
N THR A 38 -3.38 4.56 -0.42
CA THR A 38 -3.20 5.99 -0.55
C THR A 38 -3.14 6.42 -2.02
N LYS A 39 -2.29 5.74 -2.78
CA LYS A 39 -2.14 6.04 -4.21
C LYS A 39 -1.63 7.46 -4.41
N SER A 40 -0.59 7.83 -3.67
CA SER A 40 -0.01 9.16 -3.77
C SER A 40 0.91 9.26 -4.98
N GLY A 41 0.87 8.25 -5.84
CA GLY A 41 1.69 8.24 -7.03
C GLY A 41 1.09 9.07 -8.15
N PHE A 42 1.75 10.16 -8.51
CA PHE A 42 1.28 11.04 -9.58
C PHE A 42 1.89 10.64 -10.92
N LYS A 43 1.19 10.95 -11.99
CA LYS A 43 1.65 10.63 -13.33
C LYS A 43 2.91 11.44 -13.69
N GLY A 44 3.92 10.76 -14.19
CA GLY A 44 5.16 11.42 -14.56
C GLY A 44 6.34 10.47 -14.61
N PHE A 45 7.46 10.95 -15.16
CA PHE A 45 8.66 10.14 -15.27
C PHE A 45 9.53 10.26 -14.03
N ASP A 46 10.16 9.16 -13.63
CA ASP A 46 11.02 9.16 -12.45
C ASP A 46 12.32 9.89 -12.74
N THR A 47 12.91 9.63 -13.90
CA THR A 47 14.15 10.26 -14.29
C THR A 47 13.97 11.76 -14.52
N GLY A 1 13.36 -7.91 -13.31
CA GLY A 1 12.82 -7.34 -14.53
C GLY A 1 12.08 -6.04 -14.28
N SER A 2 11.18 -6.05 -13.31
CA SER A 2 10.39 -4.87 -12.99
C SER A 2 9.72 -4.30 -14.23
N SER A 3 9.18 -5.18 -15.06
CA SER A 3 8.52 -4.77 -16.30
C SER A 3 7.09 -4.28 -16.00
N GLY A 4 6.75 -3.13 -16.55
CA GLY A 4 5.42 -2.57 -16.34
C GLY A 4 5.46 -1.15 -15.83
N SER A 5 5.34 -1.00 -14.51
CA SER A 5 5.35 0.32 -13.89
C SER A 5 6.71 1.01 -14.11
N SER A 6 7.77 0.34 -13.70
CA SER A 6 9.12 0.88 -13.84
C SER A 6 9.23 2.25 -13.17
N GLY A 7 8.64 2.37 -11.99
CA GLY A 7 8.67 3.62 -11.25
C GLY A 7 9.40 3.49 -9.92
N PRO A 8 8.92 4.24 -8.91
CA PRO A 8 9.51 4.22 -7.58
C PRO A 8 9.28 2.90 -6.85
N GLU A 9 9.80 2.80 -5.63
CA GLU A 9 9.64 1.59 -4.83
C GLU A 9 8.16 1.26 -4.63
N GLY A 10 7.88 0.01 -4.31
CA GLY A 10 6.50 -0.43 -4.10
C GLY A 10 6.26 -0.90 -2.68
N SER A 11 5.79 0.01 -1.83
CA SER A 11 5.53 -0.32 -0.44
C SER A 11 4.51 0.64 0.16
N TRP A 12 3.54 0.09 0.89
CA TRP A 12 2.51 0.90 1.52
C TRP A 12 2.58 0.81 3.04
N ASP A 13 2.75 1.95 3.69
CA ASP A 13 2.84 1.99 5.15
C ASP A 13 1.45 2.02 5.78
N CYS A 14 1.25 1.18 6.79
CA CYS A 14 -0.03 1.10 7.47
C CYS A 14 -0.18 2.25 8.48
N GLU A 15 -1.43 2.59 8.79
CA GLU A 15 -1.71 3.67 9.73
C GLU A 15 -2.37 3.12 10.99
N LEU A 16 -3.07 2.00 10.85
CA LEU A 16 -3.76 1.38 11.98
C LEU A 16 -2.77 1.00 13.08
N CYS A 17 -1.69 0.32 12.69
CA CYS A 17 -0.67 -0.10 13.64
C CYS A 17 0.67 0.54 13.31
N LEU A 18 0.71 1.33 12.24
CA LEU A 18 1.92 1.99 11.82
C LEU A 18 3.00 0.98 11.44
N VAL A 19 2.60 -0.05 10.70
CA VAL A 19 3.53 -1.08 10.27
C VAL A 19 3.59 -1.17 8.75
N GLN A 20 4.80 -1.04 8.20
CA GLN A 20 4.99 -1.11 6.76
C GLN A 20 4.83 -2.53 6.25
N ASN A 21 4.40 -2.67 4.99
CA ASN A 21 4.21 -3.98 4.39
C ASN A 21 4.68 -3.99 2.94
N LYS A 22 4.62 -5.16 2.31
CA LYS A 22 5.04 -5.30 0.91
C LYS A 22 3.90 -4.94 -0.03
N ALA A 23 4.26 -4.56 -1.25
CA ALA A 23 3.26 -4.20 -2.26
C ALA A 23 2.34 -5.37 -2.56
N ASP A 24 2.93 -6.52 -2.85
CA ASP A 24 2.15 -7.72 -3.17
C ASP A 24 1.06 -7.95 -2.13
N SER A 25 1.41 -7.76 -0.86
CA SER A 25 0.45 -7.94 0.23
C SER A 25 -0.56 -6.80 0.26
N THR A 26 -1.81 -7.12 -0.07
CA THR A 26 -2.88 -6.14 -0.07
C THR A 26 -3.46 -5.94 1.32
N LYS A 27 -2.74 -6.43 2.33
CA LYS A 27 -3.19 -6.31 3.71
C LYS A 27 -1.99 -6.26 4.66
N CYS A 28 -2.25 -5.83 5.89
CA CYS A 28 -1.19 -5.73 6.89
C CYS A 28 -0.88 -7.10 7.49
N LEU A 29 0.19 -7.17 8.28
CA LEU A 29 0.59 -8.42 8.91
C LEU A 29 0.53 -8.31 10.43
N ALA A 30 0.47 -7.08 10.93
CA ALA A 30 0.40 -6.84 12.37
C ALA A 30 -1.05 -6.67 12.83
N CYS A 31 -1.86 -6.03 12.00
CA CYS A 31 -3.26 -5.80 12.32
C CYS A 31 -4.17 -6.56 11.36
N GLU A 32 -3.62 -6.96 10.21
CA GLU A 32 -4.37 -7.69 9.21
C GLU A 32 -5.55 -6.85 8.70
N SER A 33 -5.26 -5.60 8.35
CA SER A 33 -6.29 -4.70 7.85
C SER A 33 -6.12 -4.46 6.35
N ALA A 34 -7.23 -4.14 5.68
CA ALA A 34 -7.20 -3.88 4.25
C ALA A 34 -6.30 -2.70 3.92
N LYS A 35 -5.56 -2.82 2.82
CA LYS A 35 -4.65 -1.76 2.38
C LYS A 35 -5.42 -0.51 1.99
N PRO A 36 -5.13 0.61 2.68
CA PRO A 36 -5.79 1.89 2.41
C PRO A 36 -5.37 2.48 1.06
N GLY A 37 -6.36 2.78 0.22
CA GLY A 37 -6.06 3.36 -1.08
C GLY A 37 -6.26 2.37 -2.21
N THR A 38 -7.42 1.71 -2.22
CA THR A 38 -7.72 0.72 -3.25
C THR A 38 -8.68 1.30 -4.29
N LYS A 39 -8.46 0.93 -5.55
CA LYS A 39 -9.30 1.40 -6.64
C LYS A 39 -10.78 1.21 -6.32
N SER A 40 -11.16 -0.05 -6.09
CA SER A 40 -12.55 -0.37 -5.78
C SER A 40 -13.14 0.64 -4.80
N GLY A 41 -12.36 0.98 -3.78
CA GLY A 41 -12.81 1.94 -2.79
C GLY A 41 -13.86 1.35 -1.86
N PHE A 42 -13.54 1.29 -0.58
CA PHE A 42 -14.46 0.75 0.41
C PHE A 42 -15.26 1.86 1.08
N LYS A 43 -16.57 1.66 1.16
CA LYS A 43 -17.46 2.65 1.77
C LYS A 43 -17.66 2.36 3.26
N GLY A 44 -17.24 3.31 4.10
CA GLY A 44 -17.38 3.14 5.53
C GLY A 44 -17.99 4.36 6.21
N PHE A 45 -17.93 4.38 7.53
CA PHE A 45 -18.48 5.50 8.30
C PHE A 45 -17.51 6.67 8.32
N ASP A 46 -16.47 6.60 7.49
CA ASP A 46 -15.47 7.65 7.43
C ASP A 46 -15.06 7.92 5.98
N THR A 47 -15.28 9.15 5.52
CA THR A 47 -14.94 9.53 4.16
C THR A 47 -13.49 9.99 4.06
#